data_5ITF
#
_entry.id   5ITF
#
_cell.length_a   64.010
_cell.length_b   82.210
_cell.length_c   211.900
_cell.angle_alpha   90.00
_cell.angle_beta   90.00
_cell.angle_gamma   90.00
#
_symmetry.space_group_name_H-M   'P 21 21 21'
#
loop_
_entity.id
_entity.type
_entity.pdbx_description
1 polymer 'Cetuximab Fab, light chain'
2 polymer 'Cetuximab Fab, heavy chain'
3 polymer 'Meditope variant'
4 non-polymer 'PHOSPHATE ION'
5 water water
#
loop_
_entity_poly.entity_id
_entity_poly.type
_entity_poly.pdbx_seq_one_letter_code
_entity_poly.pdbx_strand_id
1 'polypeptide(L)'
;DILLTQSPVILSVSPGERVSFSCRASQSIGTNIHWYQQRTNGSPRLLIKYASESISGIPSRFSGSGSGTDFTLSINSVES
EDIADYYCQQNNNWPTTFGAGTKLELKRTVAAPSVFIFPPSDEQLKSGTASVVCLLNNFYPREAKVQWKVDNALQSGNSQ
ESVTEQDSKDSTYSLSSTLTLSKADYEKHKVYACEVTHQGLSSPVTKSFNRGA
;
A,C
2 'polypeptide(L)'
;QVQLKQSGPGLVQPSQSLSITCTVSGFSLTNYGVHWVRQSPGKGLEWLGVIWSGGNTDYNTPFTSRLSINKDNSKSQVFF
KMNSLQSNDTAIYYCARALTYYDYEFAYWGQGTLVTVSAASTKGPSVFPLAPSSKSTSGGTAALGCLVKDYFPEPVTVSW
NSGALTSGVHTFPAVLQSSGLYSLSSVVTVPSSSLGTQTYICNVNHKPSNTKVDKRVEPKS
;
B,D
3 'polypeptide(L)' GQ(6DU)DLSTRRLKG E,F
#
# COMPACT_ATOMS: atom_id res chain seq x y z
N ASP A 1 8.73 -19.98 23.98
CA ASP A 1 7.45 -19.28 23.99
C ASP A 1 6.69 -19.49 22.68
N ILE A 2 5.44 -19.02 22.64
CA ILE A 2 4.61 -19.13 21.46
C ILE A 2 4.87 -17.94 20.56
N LEU A 3 5.18 -18.20 19.29
CA LEU A 3 5.41 -17.16 18.31
C LEU A 3 4.12 -16.89 17.55
N LEU A 4 3.66 -15.64 17.60
CA LEU A 4 2.48 -15.19 16.89
C LEU A 4 2.91 -14.37 15.68
N THR A 5 2.48 -14.80 14.49
CA THR A 5 2.83 -14.14 13.24
C THR A 5 1.58 -13.46 12.68
N GLN A 6 1.61 -12.13 12.64
CA GLN A 6 0.50 -11.35 12.12
C GLN A 6 0.74 -10.99 10.67
N SER A 7 -0.32 -11.00 9.86
CA SER A 7 -0.21 -10.76 8.44
C SER A 7 -1.43 -10.03 7.88
N PRO A 8 -1.20 -9.05 6.99
CA PRO A 8 0.14 -8.60 6.60
C PRO A 8 0.69 -7.56 7.56
N VAL A 9 1.85 -6.99 7.22
CA VAL A 9 2.43 -5.95 8.07
C VAL A 9 1.63 -4.66 7.97
N ILE A 10 1.11 -4.36 6.78
CA ILE A 10 0.37 -3.13 6.54
C ILE A 10 -0.86 -3.46 5.71
N LEU A 11 -2.03 -2.98 6.14
CA LEU A 11 -3.28 -3.11 5.40
C LEU A 11 -3.78 -1.73 5.01
N SER A 12 -4.08 -1.56 3.73
CA SER A 12 -4.59 -0.30 3.19
C SER A 12 -5.90 -0.56 2.47
N VAL A 13 -6.98 0.07 2.94
CA VAL A 13 -8.31 -0.11 2.42
C VAL A 13 -9.00 1.24 2.33
N SER A 14 -10.22 1.24 1.80
CA SER A 14 -11.07 2.40 1.72
C SER A 14 -12.21 2.32 2.73
N PRO A 15 -12.79 3.45 3.14
CA PRO A 15 -13.89 3.40 4.10
C PRO A 15 -15.06 2.60 3.55
N GLY A 16 -15.70 1.84 4.44
CA GLY A 16 -16.77 0.95 4.05
C GLY A 16 -16.33 -0.42 3.57
N GLU A 17 -15.06 -0.60 3.26
CA GLU A 17 -14.57 -1.89 2.81
C GLU A 17 -14.51 -2.89 3.96
N ARG A 18 -14.40 -4.16 3.59
CA ARG A 18 -14.11 -5.23 4.53
C ARG A 18 -12.61 -5.38 4.68
N VAL A 19 -12.18 -5.79 5.88
CA VAL A 19 -10.76 -5.96 6.17
C VAL A 19 -10.61 -7.03 7.25
N SER A 20 -9.68 -7.96 7.02
CA SER A 20 -9.39 -9.02 7.96
C SER A 20 -7.93 -8.98 8.38
N PHE A 21 -7.69 -9.33 9.64
CA PHE A 21 -6.35 -9.39 10.21
C PHE A 21 -6.01 -10.83 10.53
N SER A 22 -4.86 -11.30 10.07
CA SER A 22 -4.42 -12.68 10.30
C SER A 22 -3.46 -12.73 11.48
N CYS A 23 -3.68 -13.70 12.37
CA CYS A 23 -2.77 -13.99 13.48
C CYS A 23 -2.57 -15.50 13.51
N ARG A 24 -1.37 -15.95 13.18
CA ARG A 24 -1.06 -17.37 13.14
C ARG A 24 -0.10 -17.72 14.26
N ALA A 25 -0.40 -18.79 14.98
CA ALA A 25 0.38 -19.23 16.13
C ALA A 25 1.33 -20.35 15.72
N SER A 26 2.49 -20.40 16.39
CA SER A 26 3.48 -21.44 16.12
C SER A 26 3.01 -22.82 16.53
N GLN A 27 1.90 -22.93 17.23
CA GLN A 27 1.27 -24.21 17.56
C GLN A 27 -0.15 -23.93 18.00
N SER A 28 -0.95 -24.99 18.10
CA SER A 28 -2.35 -24.85 18.45
C SER A 28 -2.50 -24.21 19.83
N ILE A 29 -3.32 -23.17 19.91
CA ILE A 29 -3.57 -22.46 21.16
C ILE A 29 -5.08 -22.43 21.41
N GLY A 30 -5.82 -23.30 20.74
CA GLY A 30 -7.26 -23.35 20.84
C GLY A 30 -7.96 -22.07 20.42
N THR A 31 -8.65 -21.45 21.37
CA THR A 31 -9.30 -20.15 21.16
C THR A 31 -8.74 -19.09 22.08
N ASN A 32 -7.67 -19.40 22.82
CA ASN A 32 -7.12 -18.52 23.84
C ASN A 32 -6.29 -17.42 23.18
N ILE A 33 -6.99 -16.47 22.56
CA ILE A 33 -6.37 -15.36 21.85
C ILE A 33 -7.24 -14.12 22.02
N HIS A 34 -6.59 -12.98 22.26
CA HIS A 34 -7.26 -11.71 22.43
C HIS A 34 -6.69 -10.71 21.44
N TRP A 35 -7.54 -9.81 20.95
CA TRP A 35 -7.17 -8.79 19.97
C TRP A 35 -7.15 -7.42 20.63
N TYR A 36 -6.27 -6.55 20.13
CA TYR A 36 -6.07 -5.23 20.72
C TYR A 36 -5.96 -4.18 19.62
N GLN A 37 -6.50 -3.00 19.89
CA GLN A 37 -6.36 -1.83 19.03
C GLN A 37 -5.51 -0.80 19.76
N GLN A 38 -4.65 -0.10 19.02
CA GLN A 38 -3.79 0.93 19.59
C GLN A 38 -3.72 2.11 18.64
N ARG A 39 -4.29 3.23 19.04
CA ARG A 39 -4.20 4.45 18.26
C ARG A 39 -2.90 5.19 18.59
N THR A 40 -2.66 6.28 17.87
CA THR A 40 -1.44 7.06 18.05
C THR A 40 -1.38 7.63 19.46
N ASN A 41 -0.26 7.40 20.13
CA ASN A 41 0.00 7.88 21.49
C ASN A 41 -0.98 7.30 22.51
N GLY A 42 -1.68 6.23 22.16
CA GLY A 42 -2.64 5.60 23.04
C GLY A 42 -2.14 4.27 23.58
N SER A 43 -2.90 3.74 24.53
CA SER A 43 -2.64 2.43 25.11
C SER A 43 -3.42 1.36 24.36
N PRO A 44 -3.03 0.09 24.48
CA PRO A 44 -3.80 -0.97 23.82
C PRO A 44 -5.24 -0.99 24.31
N ARG A 45 -6.15 -1.26 23.37
CA ARG A 45 -7.58 -1.28 23.63
C ARG A 45 -8.12 -2.66 23.30
N LEU A 46 -8.71 -3.32 24.29
CA LEU A 46 -9.21 -4.68 24.10
C LEU A 46 -10.39 -4.67 23.15
N LEU A 47 -10.26 -5.40 22.04
CA LEU A 47 -11.31 -5.51 21.02
C LEU A 47 -12.07 -6.82 21.11
N ILE A 48 -11.36 -7.94 21.21
CA ILE A 48 -11.96 -9.27 21.22
C ILE A 48 -11.22 -10.11 22.24
N LYS A 49 -11.95 -10.86 23.06
CA LYS A 49 -11.37 -11.84 23.96
C LYS A 49 -11.77 -13.24 23.50
N TYR A 50 -10.83 -14.18 23.63
CA TYR A 50 -11.04 -15.59 23.27
C TYR A 50 -11.57 -15.72 21.84
N ALA A 51 -10.79 -15.18 20.91
CA ALA A 51 -10.99 -15.37 19.48
C ALA A 51 -12.26 -14.71 18.94
N SER A 52 -13.38 -14.86 19.64
CA SER A 52 -14.66 -14.41 19.07
C SER A 52 -15.58 -13.67 20.02
N GLU A 53 -15.31 -13.62 21.33
CA GLU A 53 -16.26 -13.04 22.27
C GLU A 53 -16.22 -11.53 22.24
N SER A 54 -17.40 -10.91 22.29
CA SER A 54 -17.51 -9.46 22.19
C SER A 54 -17.04 -8.79 23.47
N ILE A 55 -16.67 -7.51 23.34
CA ILE A 55 -16.20 -6.70 24.45
C ILE A 55 -17.16 -5.52 24.61
N SER A 56 -17.34 -5.09 25.85
CA SER A 56 -18.21 -3.95 26.13
C SER A 56 -17.69 -2.68 25.47
N GLY A 57 -18.60 -1.91 24.89
CA GLY A 57 -18.25 -0.64 24.28
C GLY A 57 -17.49 -0.73 22.98
N ILE A 58 -17.35 -1.91 22.40
CA ILE A 58 -16.65 -2.10 21.13
C ILE A 58 -17.68 -2.13 20.01
N PRO A 59 -17.51 -1.35 18.95
CA PRO A 59 -18.51 -1.34 17.87
C PRO A 59 -18.74 -2.73 17.29
N SER A 60 -19.98 -2.97 16.86
CA SER A 60 -20.37 -4.28 16.37
C SER A 60 -19.64 -4.69 15.09
N ARG A 61 -19.02 -3.75 14.39
CA ARG A 61 -18.28 -4.09 13.18
C ARG A 61 -17.00 -4.85 13.48
N PHE A 62 -16.57 -4.91 14.73
CA PHE A 62 -15.41 -5.69 15.13
C PHE A 62 -15.84 -7.09 15.52
N SER A 63 -15.26 -8.09 14.88
CA SER A 63 -15.52 -9.48 15.22
C SER A 63 -14.29 -10.31 14.93
N GLY A 64 -14.20 -11.46 15.58
CA GLY A 64 -13.07 -12.34 15.41
C GLY A 64 -13.51 -13.77 15.22
N SER A 65 -12.68 -14.53 14.52
CA SER A 65 -12.93 -15.95 14.29
C SER A 65 -11.60 -16.67 14.18
N GLY A 66 -11.68 -18.00 14.23
CA GLY A 66 -10.49 -18.82 14.13
C GLY A 66 -10.30 -19.76 15.30
N SER A 67 -9.51 -20.82 15.09
CA SER A 67 -9.23 -21.79 16.14
C SER A 67 -7.99 -22.58 15.74
N GLY A 68 -7.27 -23.07 16.75
CA GLY A 68 -6.06 -23.82 16.50
C GLY A 68 -4.85 -22.94 16.32
N THR A 69 -4.45 -22.72 15.07
CA THR A 69 -3.29 -21.88 14.77
C THR A 69 -3.61 -20.68 13.89
N ASP A 70 -4.81 -20.61 13.30
CA ASP A 70 -5.14 -19.57 12.33
C ASP A 70 -6.34 -18.78 12.85
N PHE A 71 -6.14 -17.49 13.12
CA PHE A 71 -7.17 -16.64 13.69
C PHE A 71 -7.34 -15.39 12.84
N THR A 72 -8.53 -14.81 12.90
CA THR A 72 -8.91 -13.69 12.04
C THR A 72 -9.68 -12.65 12.84
N LEU A 73 -9.25 -11.39 12.73
CA LEU A 73 -9.99 -10.25 13.23
C LEU A 73 -10.52 -9.47 12.03
N SER A 74 -11.81 -9.14 12.06
CA SER A 74 -12.48 -8.57 10.88
C SER A 74 -13.23 -7.30 11.23
N ILE A 75 -13.22 -6.35 10.31
CA ILE A 75 -14.04 -5.14 10.36
C ILE A 75 -14.88 -5.14 9.10
N ASN A 76 -16.19 -5.31 9.24
CA ASN A 76 -17.05 -5.48 8.07
C ASN A 76 -17.17 -4.20 7.27
N SER A 77 -17.42 -3.08 7.94
CA SER A 77 -17.54 -1.76 7.30
C SER A 77 -16.55 -0.83 7.99
N VAL A 78 -15.30 -0.85 7.53
CA VAL A 78 -14.25 -0.08 8.19
C VAL A 78 -14.57 1.42 8.09
N GLU A 79 -14.18 2.16 9.12
CA GLU A 79 -14.40 3.59 9.20
C GLU A 79 -13.07 4.31 9.41
N SER A 80 -13.10 5.63 9.24
CA SER A 80 -11.89 6.43 9.38
C SER A 80 -11.34 6.37 10.81
N GLU A 81 -12.21 6.19 11.79
CA GLU A 81 -11.79 6.13 13.18
CA GLU A 81 -11.79 6.13 13.18
C GLU A 81 -11.03 4.84 13.50
N ASP A 82 -11.02 3.87 12.59
CA ASP A 82 -10.36 2.58 12.82
C ASP A 82 -8.87 2.61 12.52
N ILE A 83 -8.34 3.74 12.06
CA ILE A 83 -6.90 3.89 11.78
C ILE A 83 -6.11 3.66 13.05
N ALA A 84 -5.38 2.55 13.09
CA ALA A 84 -4.61 2.15 14.27
C ALA A 84 -3.76 0.94 13.91
N ASP A 85 -2.98 0.50 14.89
CA ASP A 85 -2.31 -0.80 14.86
C ASP A 85 -3.17 -1.83 15.57
N TYR A 86 -3.08 -3.07 15.13
CA TYR A 86 -3.89 -4.13 15.71
C TYR A 86 -3.01 -5.31 16.08
N TYR A 87 -3.09 -5.72 17.34
CA TYR A 87 -2.26 -6.78 17.89
C TYR A 87 -3.13 -7.95 18.35
N CYS A 88 -2.56 -9.15 18.24
CA CYS A 88 -3.16 -10.34 18.82
C CYS A 88 -2.30 -10.83 19.97
N GLN A 89 -2.95 -11.41 20.98
CA GLN A 89 -2.28 -11.90 22.17
C GLN A 89 -2.78 -13.29 22.49
N GLN A 90 -1.86 -14.23 22.70
CA GLN A 90 -2.21 -15.59 23.09
C GLN A 90 -1.94 -15.78 24.57
N ASN A 91 -2.74 -16.67 25.19
CA ASN A 91 -2.51 -17.01 26.59
C ASN A 91 -2.84 -18.47 26.86
N ASN A 92 -2.75 -19.33 25.84
CA ASN A 92 -2.88 -20.76 26.07
C ASN A 92 -1.64 -21.34 26.73
N ASN A 93 -0.49 -20.69 26.58
CA ASN A 93 0.76 -21.14 27.18
C ASN A 93 1.47 -19.98 27.86
N TRP A 94 2.07 -20.25 29.01
CA TRP A 94 2.83 -19.24 29.75
C TRP A 94 4.22 -19.07 29.16
N PRO A 95 4.69 -17.81 29.04
CA PRO A 95 3.95 -16.59 29.37
C PRO A 95 3.07 -16.12 28.21
N THR A 96 2.11 -15.24 28.49
CA THR A 96 1.31 -14.69 27.42
C THR A 96 2.20 -13.84 26.51
N THR A 97 1.99 -13.99 25.21
CA THR A 97 2.81 -13.32 24.22
C THR A 97 1.92 -12.56 23.24
N PHE A 98 2.50 -11.54 22.62
CA PHE A 98 1.80 -10.70 21.67
C PHE A 98 2.43 -10.86 20.29
N GLY A 99 1.65 -10.54 19.26
CA GLY A 99 2.16 -10.50 17.91
C GLY A 99 2.88 -9.19 17.63
N ALA A 100 3.39 -9.08 16.41
CA ALA A 100 4.10 -7.87 16.00
C ALA A 100 3.17 -6.77 15.54
N GLY A 101 1.93 -7.10 15.20
CA GLY A 101 0.93 -6.10 14.88
C GLY A 101 0.76 -5.89 13.38
N THR A 102 -0.38 -5.31 13.03
CA THR A 102 -0.68 -4.94 11.65
C THR A 102 -1.16 -3.50 11.62
N LYS A 103 -0.51 -2.69 10.80
CA LYS A 103 -0.89 -1.29 10.64
C LYS A 103 -2.05 -1.19 9.66
N LEU A 104 -3.09 -0.45 10.03
CA LEU A 104 -4.27 -0.25 9.20
C LEU A 104 -4.26 1.16 8.66
N GLU A 105 -3.94 1.32 7.38
CA GLU A 105 -4.04 2.59 6.70
C GLU A 105 -5.36 2.66 5.93
N LEU A 106 -5.80 3.88 5.67
CA LEU A 106 -7.06 4.12 4.98
C LEU A 106 -6.83 4.93 3.72
N LYS A 107 -7.35 4.43 2.61
CA LYS A 107 -7.29 5.15 1.34
C LYS A 107 -8.38 6.22 1.30
N ARG A 108 -8.05 7.34 0.65
CA ARG A 108 -9.01 8.43 0.46
C ARG A 108 -8.60 9.22 -0.76
N THR A 109 -9.47 10.14 -1.18
CA THR A 109 -9.20 10.94 -2.37
C THR A 109 -7.98 11.83 -2.15
N VAL A 110 -7.37 12.23 -3.26
CA VAL A 110 -6.19 13.09 -3.20
C VAL A 110 -6.57 14.45 -2.64
N ALA A 111 -5.75 14.95 -1.71
CA ALA A 111 -5.96 16.25 -1.10
C ALA A 111 -4.67 17.05 -1.21
N ALA A 112 -4.73 18.19 -1.89
CA ALA A 112 -3.58 19.07 -1.96
C ALA A 112 -3.31 19.71 -0.60
N PRO A 113 -2.05 19.94 -0.25
CA PRO A 113 -1.74 20.52 1.06
C PRO A 113 -1.94 22.02 1.08
N SER A 114 -2.23 22.53 2.27
CA SER A 114 -2.20 23.96 2.55
C SER A 114 -0.83 24.29 3.15
N VAL A 115 -0.11 25.20 2.52
CA VAL A 115 1.28 25.48 2.86
C VAL A 115 1.34 26.80 3.62
N PHE A 116 2.12 26.79 4.72
CA PHE A 116 2.35 27.98 5.53
C PHE A 116 3.82 28.00 5.92
N ILE A 117 4.46 29.15 5.77
CA ILE A 117 5.86 29.34 6.15
C ILE A 117 5.90 30.26 7.36
N PHE A 118 6.78 29.93 8.31
CA PHE A 118 6.90 30.66 9.56
C PHE A 118 8.33 31.14 9.74
N PRO A 119 8.58 32.45 9.80
CA PRO A 119 9.94 32.94 10.04
C PRO A 119 10.35 32.65 11.48
N PRO A 120 11.66 32.71 11.78
CA PRO A 120 12.08 32.55 13.17
C PRO A 120 11.62 33.73 14.02
N SER A 121 11.24 33.44 15.25
CA SER A 121 10.85 34.49 16.17
C SER A 121 12.05 35.32 16.58
N ASP A 122 11.79 36.59 16.90
CA ASP A 122 12.85 37.43 17.46
C ASP A 122 13.34 36.87 18.79
N GLU A 123 12.51 36.10 19.48
CA GLU A 123 12.93 35.49 20.74
C GLU A 123 14.03 34.46 20.51
N GLN A 124 13.88 33.61 19.49
CA GLN A 124 14.88 32.58 19.24
C GLN A 124 16.18 33.17 18.72
N LEU A 125 16.12 34.25 17.94
CA LEU A 125 17.34 34.86 17.42
C LEU A 125 18.27 35.29 18.54
N LYS A 126 17.72 35.64 19.70
CA LYS A 126 18.55 35.99 20.84
C LYS A 126 19.34 34.81 21.38
N SER A 127 18.92 33.58 21.05
CA SER A 127 19.66 32.39 21.45
C SER A 127 20.77 32.02 20.47
N GLY A 128 20.91 32.76 19.37
CA GLY A 128 21.94 32.46 18.40
C GLY A 128 21.57 31.43 17.36
N THR A 129 20.28 31.19 17.15
CA THR A 129 19.81 30.16 16.24
C THR A 129 18.53 30.64 15.56
N ALA A 130 18.37 30.28 14.29
CA ALA A 130 17.18 30.60 13.52
C ALA A 130 16.54 29.31 13.03
N SER A 131 15.25 29.15 13.30
CA SER A 131 14.46 28.03 12.82
C SER A 131 13.36 28.56 11.90
N VAL A 132 13.37 28.09 10.66
CA VAL A 132 12.31 28.41 9.69
C VAL A 132 11.48 27.16 9.48
N VAL A 133 10.16 27.29 9.64
CA VAL A 133 9.24 26.17 9.61
C VAL A 133 8.29 26.33 8.43
N CYS A 134 8.08 25.24 7.69
CA CYS A 134 7.12 25.19 6.60
C CYS A 134 6.11 24.09 6.90
N LEU A 135 4.83 24.43 6.88
CA LEU A 135 3.76 23.54 7.29
C LEU A 135 2.97 23.07 6.07
N LEU A 136 2.89 21.75 5.89
CA LEU A 136 2.06 21.13 4.87
C LEU A 136 0.87 20.51 5.60
N ASN A 137 -0.31 21.10 5.44
CA ASN A 137 -1.46 20.79 6.28
C ASN A 137 -2.53 20.05 5.49
N ASN A 138 -2.97 18.92 6.04
CA ASN A 138 -4.14 18.18 5.56
C ASN A 138 -4.03 17.83 4.06
N PHE A 139 -3.19 16.84 3.79
CA PHE A 139 -2.96 16.39 2.43
C PHE A 139 -2.97 14.86 2.37
N TYR A 140 -3.11 14.36 1.14
CA TYR A 140 -3.07 12.93 0.87
C TYR A 140 -2.74 12.72 -0.62
N PRO A 141 -1.88 11.74 -0.94
CA PRO A 141 -1.23 10.79 -0.02
C PRO A 141 -0.03 11.36 0.75
N ARG A 142 0.69 10.45 1.41
CA ARG A 142 1.76 10.88 2.32
C ARG A 142 2.96 11.45 1.57
N GLU A 143 3.19 11.01 0.34
CA GLU A 143 4.36 11.44 -0.40
C GLU A 143 4.32 12.95 -0.67
N ALA A 144 5.40 13.63 -0.28
CA ALA A 144 5.52 15.07 -0.47
C ALA A 144 6.98 15.46 -0.40
N LYS A 145 7.34 16.48 -1.17
CA LYS A 145 8.70 16.99 -1.19
C LYS A 145 8.71 18.47 -0.80
N VAL A 146 9.65 18.83 0.07
CA VAL A 146 9.85 20.20 0.50
C VAL A 146 11.26 20.63 0.09
N GLN A 147 11.35 21.73 -0.65
CA GLN A 147 12.62 22.24 -1.14
C GLN A 147 12.84 23.64 -0.58
N TRP A 148 13.91 23.80 0.19
CA TRP A 148 14.24 25.09 0.78
C TRP A 148 15.21 25.85 -0.10
N LYS A 149 15.04 27.17 -0.19
CA LYS A 149 15.93 28.03 -0.92
C LYS A 149 16.17 29.31 -0.13
N VAL A 150 17.44 29.72 -0.06
CA VAL A 150 17.86 30.92 0.65
C VAL A 150 18.64 31.76 -0.34
N ASP A 151 18.05 32.87 -0.79
CA ASP A 151 18.61 33.70 -1.85
C ASP A 151 18.90 32.86 -3.09
N ASN A 152 17.91 32.06 -3.49
CA ASN A 152 17.96 31.16 -4.63
C ASN A 152 19.01 30.06 -4.48
N ALA A 153 19.54 29.85 -3.28
CA ALA A 153 20.52 28.80 -3.02
C ALA A 153 19.80 27.59 -2.46
N LEU A 154 19.95 26.45 -3.11
CA LEU A 154 19.31 25.22 -2.67
C LEU A 154 19.88 24.78 -1.32
N GLN A 155 19.00 24.60 -0.35
CA GLN A 155 19.40 24.13 0.97
C GLN A 155 19.38 22.62 1.02
N SER A 156 20.41 22.04 1.63
CA SER A 156 20.53 20.58 1.69
C SER A 156 21.22 20.19 2.98
N GLY A 157 20.66 19.19 3.67
CA GLY A 157 21.24 18.67 4.90
C GLY A 157 20.95 19.47 6.14
N ASN A 158 20.32 20.63 6.03
CA ASN A 158 20.08 21.50 7.17
C ASN A 158 18.59 21.62 7.52
N SER A 159 17.79 20.63 7.14
CA SER A 159 16.37 20.62 7.46
C SER A 159 15.95 19.24 7.91
N GLN A 160 14.85 19.18 8.64
CA GLN A 160 14.29 17.94 9.14
C GLN A 160 12.77 17.97 9.00
N GLU A 161 12.20 16.84 8.60
CA GLU A 161 10.75 16.72 8.41
C GLU A 161 10.14 15.89 9.52
N SER A 162 8.88 16.18 9.82
CA SER A 162 8.08 15.42 10.77
C SER A 162 6.67 15.29 10.22
N VAL A 163 6.13 14.07 10.23
CA VAL A 163 4.85 13.77 9.61
C VAL A 163 3.92 13.16 10.64
N THR A 164 2.71 13.71 10.75
CA THR A 164 1.70 13.13 11.63
C THR A 164 1.20 11.81 11.07
N GLU A 165 0.61 11.01 11.94
CA GLU A 165 -0.13 9.83 11.49
C GLU A 165 -1.43 10.27 10.83
N GLN A 166 -2.15 9.29 10.28
CA GLN A 166 -3.40 9.61 9.61
C GLN A 166 -4.44 10.15 10.58
N ASP A 167 -5.11 11.23 10.17
CA ASP A 167 -6.15 11.83 11.00
C ASP A 167 -7.34 10.90 11.11
N SER A 168 -7.90 10.80 12.31
CA SER A 168 -9.00 9.87 12.54
C SER A 168 -10.30 10.32 11.87
N LYS A 169 -10.39 11.59 11.46
CA LYS A 169 -11.61 12.14 10.88
C LYS A 169 -11.54 12.21 9.37
N ASP A 170 -10.56 12.92 8.81
CA ASP A 170 -10.46 13.11 7.37
C ASP A 170 -9.39 12.25 6.71
N SER A 171 -8.64 11.48 7.49
CA SER A 171 -7.63 10.54 7.00
C SER A 171 -6.50 11.24 6.23
N THR A 172 -6.24 12.50 6.53
CA THR A 172 -5.17 13.24 5.87
C THR A 172 -3.91 13.24 6.73
N TYR A 173 -2.80 13.62 6.11
CA TYR A 173 -1.54 13.81 6.80
C TYR A 173 -1.21 15.29 6.89
N SER A 174 -0.32 15.61 7.83
CA SER A 174 0.26 16.94 7.93
C SER A 174 1.77 16.80 8.12
N LEU A 175 2.52 17.71 7.52
CA LEU A 175 3.97 17.64 7.53
C LEU A 175 4.55 18.99 7.95
N SER A 176 5.60 18.95 8.76
CA SER A 176 6.35 20.13 9.15
C SER A 176 7.81 19.94 8.76
N SER A 177 8.35 20.89 7.99
CA SER A 177 9.75 20.91 7.61
C SER A 177 10.42 22.10 8.28
N THR A 178 11.45 21.83 9.08
CA THR A 178 12.12 22.87 9.86
C THR A 178 13.53 23.07 9.29
N LEU A 179 13.76 24.23 8.70
CA LEU A 179 15.09 24.65 8.27
C LEU A 179 15.78 25.35 9.43
N THR A 180 16.99 24.90 9.76
CA THR A 180 17.73 25.43 10.91
C THR A 180 19.02 26.07 10.43
N LEU A 181 19.21 27.33 10.79
CA LEU A 181 20.42 28.08 10.44
C LEU A 181 20.97 28.75 11.70
N SER A 182 22.25 29.08 11.65
CA SER A 182 22.82 29.96 12.65
C SER A 182 22.27 31.37 12.44
N LYS A 183 22.22 32.15 13.53
CA LYS A 183 21.71 33.51 13.43
C LYS A 183 22.56 34.34 12.46
N ALA A 184 23.88 34.15 12.49
CA ALA A 184 24.76 34.85 11.56
C ALA A 184 24.41 34.52 10.12
N ASP A 185 24.19 33.24 9.83
CA ASP A 185 23.76 32.85 8.49
C ASP A 185 22.43 33.50 8.12
N TYR A 186 21.46 33.43 9.04
CA TYR A 186 20.13 33.95 8.75
C TYR A 186 20.15 35.44 8.45
N GLU A 187 20.98 36.20 9.18
CA GLU A 187 21.05 37.63 8.96
C GLU A 187 21.79 38.00 7.69
N LYS A 188 22.58 37.08 7.12
CA LYS A 188 23.31 37.35 5.90
C LYS A 188 22.47 37.19 4.64
N HIS A 189 21.19 36.83 4.77
CA HIS A 189 20.36 36.53 3.62
C HIS A 189 18.98 37.14 3.81
N LYS A 190 18.21 37.16 2.71
CA LYS A 190 16.93 37.86 2.68
C LYS A 190 15.76 36.93 2.34
N VAL A 191 15.77 36.31 1.17
CA VAL A 191 14.61 35.57 0.68
C VAL A 191 14.67 34.14 1.20
N TYR A 192 13.61 33.72 1.89
CA TYR A 192 13.50 32.36 2.44
C TYR A 192 12.24 31.73 1.89
N ALA A 193 12.41 30.75 1.00
CA ALA A 193 11.33 30.15 0.26
C ALA A 193 11.17 28.68 0.61
N CYS A 194 9.93 28.20 0.57
CA CYS A 194 9.59 26.80 0.77
C CYS A 194 8.75 26.33 -0.40
N GLU A 195 9.31 25.46 -1.24
CA GLU A 195 8.61 24.91 -2.39
C GLU A 195 8.09 23.52 -2.06
N VAL A 196 6.80 23.29 -2.31
CA VAL A 196 6.12 22.05 -1.94
C VAL A 196 5.69 21.35 -3.21
N THR A 197 6.08 20.09 -3.36
CA THR A 197 5.66 19.24 -4.45
C THR A 197 4.72 18.17 -3.91
N HIS A 198 3.54 18.04 -4.51
CA HIS A 198 2.58 17.04 -4.10
C HIS A 198 1.71 16.66 -5.29
N GLN A 199 1.18 15.43 -5.25
CA GLN A 199 0.38 14.94 -6.36
C GLN A 199 -0.88 15.77 -6.57
N GLY A 200 -1.47 16.27 -5.48
CA GLY A 200 -2.66 17.10 -5.57
C GLY A 200 -2.45 18.49 -6.12
N LEU A 201 -1.20 18.88 -6.35
CA LEU A 201 -0.89 20.19 -6.92
C LEU A 201 -0.43 20.02 -8.36
N SER A 202 -1.03 20.79 -9.28
CA SER A 202 -0.60 20.74 -10.66
C SER A 202 0.78 21.34 -10.85
N SER A 203 1.16 22.28 -9.98
CA SER A 203 2.46 22.91 -10.00
C SER A 203 2.96 23.07 -8.58
N PRO A 204 4.27 23.14 -8.38
CA PRO A 204 4.80 23.32 -7.02
C PRO A 204 4.35 24.65 -6.43
N VAL A 205 3.96 24.62 -5.16
CA VAL A 205 3.53 25.80 -4.42
C VAL A 205 4.71 26.30 -3.59
N THR A 206 4.97 27.60 -3.66
CA THR A 206 6.09 28.22 -2.95
C THR A 206 5.56 29.32 -2.03
N LYS A 207 5.72 29.11 -0.72
CA LYS A 207 5.52 30.15 0.26
C LYS A 207 6.89 30.70 0.66
N SER A 208 6.96 32.03 0.83
CA SER A 208 8.25 32.65 1.12
C SER A 208 8.03 33.96 1.85
N PHE A 209 9.11 34.45 2.45
CA PHE A 209 9.11 35.75 3.11
C PHE A 209 10.49 36.37 2.94
N ASN A 210 10.55 37.69 3.16
CA ASN A 210 11.81 38.41 3.20
C ASN A 210 12.13 38.76 4.65
N ARG A 211 13.35 38.46 5.08
CA ARG A 211 13.77 38.72 6.45
C ARG A 211 13.58 40.19 6.80
N GLY A 212 12.69 40.46 7.74
CA GLY A 212 12.26 41.81 8.07
C GLY A 212 10.84 42.09 7.60
N ALA A 213 10.66 42.23 6.28
CA ALA A 213 9.35 42.20 5.59
C ALA A 213 9.57 42.29 4.08
N GLN B 1 -15.14 5.40 37.07
CA GLN B 1 -14.99 4.01 36.65
C GLN B 1 -13.59 3.50 36.96
N VAL B 2 -13.23 2.38 36.30
CA VAL B 2 -11.93 1.76 36.53
C VAL B 2 -10.85 2.58 35.83
N GLN B 3 -9.78 2.89 36.56
CA GLN B 3 -8.69 3.70 36.03
C GLN B 3 -7.37 3.24 36.63
N LEU B 4 -6.32 3.31 35.81
CA LEU B 4 -4.95 3.04 36.23
C LEU B 4 -4.09 4.23 35.78
N LYS B 5 -3.53 4.96 36.75
CA LYS B 5 -2.74 6.14 36.45
C LYS B 5 -1.32 5.93 36.97
N GLN B 6 -0.35 5.99 36.06
CA GLN B 6 1.04 5.73 36.40
C GLN B 6 1.77 7.03 36.72
N SER B 7 2.96 6.88 37.30
CA SER B 7 3.82 8.01 37.58
C SER B 7 4.47 8.53 36.29
N GLY B 8 4.97 9.75 36.37
CA GLY B 8 5.43 10.48 35.21
C GLY B 8 6.65 9.93 34.50
N PRO B 9 6.80 10.33 33.25
CA PRO B 9 7.87 9.77 32.42
C PRO B 9 9.24 10.15 32.96
N GLY B 10 10.18 9.22 32.80
CA GLY B 10 11.44 9.31 33.49
C GLY B 10 12.65 8.88 32.66
N LEU B 11 13.77 9.44 33.06
CA LEU B 11 15.08 9.12 32.53
C LEU B 11 15.83 8.28 33.55
N VAL B 12 16.42 7.16 33.10
CA VAL B 12 17.21 6.30 33.95
C VAL B 12 18.60 6.15 33.36
N GLN B 13 19.63 6.33 34.19
CA GLN B 13 20.99 6.14 33.72
C GLN B 13 21.28 4.65 33.53
N PRO B 14 22.22 4.32 32.64
CA PRO B 14 22.55 2.91 32.43
C PRO B 14 22.99 2.23 33.72
N SER B 15 22.62 0.96 33.84
CA SER B 15 22.90 0.04 34.95
C SER B 15 22.15 0.39 36.22
N GLN B 16 21.28 1.40 36.20
CA GLN B 16 20.53 1.77 37.39
C GLN B 16 19.08 1.31 37.27
N SER B 17 18.30 1.56 38.31
CA SER B 17 16.99 0.94 38.45
C SER B 17 15.87 1.87 37.99
N LEU B 18 14.76 1.26 37.58
CA LEU B 18 13.56 1.97 37.18
C LEU B 18 12.46 1.72 38.21
N SER B 19 11.76 2.77 38.62
CA SER B 19 10.69 2.68 39.60
C SER B 19 9.46 3.39 39.07
N ILE B 20 8.33 2.68 39.05
CA ILE B 20 7.05 3.21 38.57
C ILE B 20 5.97 2.85 39.58
N THR B 21 5.09 3.82 39.86
CA THR B 21 3.97 3.63 40.77
C THR B 21 2.67 3.67 39.98
N CYS B 22 1.87 2.60 40.10
CA CYS B 22 0.58 2.49 39.44
C CYS B 22 -0.51 2.66 40.50
N THR B 23 -1.21 3.78 40.46
CA THR B 23 -2.30 4.07 41.40
C THR B 23 -3.63 3.74 40.71
N VAL B 24 -4.39 2.83 41.32
CA VAL B 24 -5.62 2.35 40.72
C VAL B 24 -6.81 2.98 41.43
N SER B 25 -7.93 3.03 40.73
CA SER B 25 -9.20 3.49 41.30
C SER B 25 -10.33 2.82 40.53
N GLY B 26 -11.49 2.75 41.16
CA GLY B 26 -12.63 2.04 40.61
C GLY B 26 -12.69 0.58 40.99
N PHE B 27 -11.67 0.05 41.65
CA PHE B 27 -11.68 -1.32 42.14
C PHE B 27 -10.62 -1.42 43.24
N SER B 28 -10.66 -2.55 43.95
CA SER B 28 -9.72 -2.81 45.04
C SER B 28 -8.63 -3.76 44.57
N LEU B 29 -7.38 -3.46 44.97
CA LEU B 29 -6.27 -4.35 44.66
C LEU B 29 -6.40 -5.69 45.35
N THR B 30 -7.30 -5.82 46.33
CA THR B 30 -7.54 -7.10 46.98
C THR B 30 -8.36 -8.04 46.11
N ASN B 31 -9.01 -7.53 45.06
CA ASN B 31 -9.88 -8.34 44.22
C ASN B 31 -9.35 -8.56 42.82
N TYR B 32 -8.27 -7.90 42.42
CA TYR B 32 -7.74 -8.01 41.07
C TYR B 32 -6.23 -7.95 41.09
N GLY B 33 -5.62 -8.69 40.16
CA GLY B 33 -4.19 -8.63 39.97
C GLY B 33 -3.81 -7.56 38.96
N VAL B 34 -2.62 -7.00 39.13
CA VAL B 34 -2.11 -5.94 38.28
C VAL B 34 -0.89 -6.47 37.52
N HIS B 35 -0.97 -6.42 36.19
CA HIS B 35 0.11 -6.87 35.33
C HIS B 35 0.93 -5.68 34.85
N TRP B 36 2.13 -5.98 34.35
CA TRP B 36 3.03 -4.96 33.82
C TRP B 36 3.51 -5.39 32.45
N VAL B 37 3.26 -4.55 31.45
CA VAL B 37 3.60 -4.82 30.06
C VAL B 37 4.40 -3.64 29.53
N ARG B 38 5.44 -3.92 28.75
CA ARG B 38 6.22 -2.87 28.11
C ARG B 38 6.19 -3.03 26.61
N GLN B 39 6.47 -1.94 25.90
CA GLN B 39 6.43 -1.89 24.44
C GLN B 39 7.71 -1.20 23.97
N SER B 40 8.61 -1.98 23.40
CA SER B 40 9.94 -1.53 23.00
C SER B 40 10.11 -1.62 21.48
N PRO B 41 11.01 -0.83 20.91
CA PRO B 41 11.22 -0.93 19.45
C PRO B 41 11.64 -2.30 18.97
N GLY B 42 12.50 -2.98 19.74
CA GLY B 42 13.05 -4.25 19.32
C GLY B 42 12.24 -5.48 19.72
N LYS B 43 11.29 -5.36 20.64
CA LYS B 43 10.49 -6.51 21.02
C LYS B 43 8.98 -6.27 21.06
N GLY B 44 8.51 -5.08 20.71
CA GLY B 44 7.09 -4.80 20.74
C GLY B 44 6.50 -5.04 22.11
N LEU B 45 5.26 -5.51 22.11
CA LEU B 45 4.53 -5.77 23.36
C LEU B 45 5.13 -6.98 24.07
N GLU B 46 5.42 -6.81 25.36
CA GLU B 46 6.14 -7.82 26.13
C GLU B 46 5.54 -7.87 27.53
N TRP B 47 5.08 -9.05 27.94
CA TRP B 47 4.53 -9.24 29.27
C TRP B 47 5.67 -9.43 30.27
N LEU B 48 5.72 -8.56 31.28
CA LEU B 48 6.81 -8.58 32.27
C LEU B 48 6.46 -9.36 33.53
N GLY B 49 5.31 -9.08 34.14
CA GLY B 49 4.95 -9.75 35.36
C GLY B 49 3.60 -9.30 35.86
N VAL B 50 3.24 -9.81 37.04
CA VAL B 50 1.94 -9.54 37.64
C VAL B 50 2.05 -9.73 39.14
N ILE B 51 1.32 -8.91 39.88
CA ILE B 51 1.11 -9.11 41.31
C ILE B 51 -0.37 -9.41 41.52
N TRP B 52 -0.65 -10.54 42.16
CA TRP B 52 -2.01 -11.02 42.27
C TRP B 52 -2.73 -10.39 43.46
N SER B 53 -4.02 -10.70 43.58
CA SER B 53 -4.84 -10.15 44.66
C SER B 53 -4.24 -10.48 46.03
N GLY B 54 -3.80 -11.71 46.22
CA GLY B 54 -3.25 -12.15 47.48
C GLY B 54 -1.80 -11.81 47.73
N GLY B 55 -1.12 -11.17 46.77
CA GLY B 55 0.25 -10.74 46.97
C GLY B 55 1.30 -11.55 46.24
N ASN B 56 0.96 -12.73 45.74
CA ASN B 56 1.93 -13.49 44.97
C ASN B 56 2.31 -12.75 43.70
N THR B 57 3.52 -13.04 43.22
CA THR B 57 4.04 -12.38 42.02
C THR B 57 4.66 -13.41 41.09
N ASP B 58 4.38 -13.27 39.80
CA ASP B 58 5.06 -14.00 38.75
C ASP B 58 5.83 -13.02 37.88
N TYR B 59 7.05 -13.39 37.50
CA TYR B 59 7.89 -12.59 36.64
C TYR B 59 8.23 -13.40 35.40
N ASN B 60 8.10 -12.78 34.22
CA ASN B 60 8.50 -13.44 32.99
C ASN B 60 9.96 -13.85 33.07
N THR B 61 10.28 -15.00 32.47
CA THR B 61 11.60 -15.62 32.60
C THR B 61 12.78 -14.67 32.45
N PRO B 62 12.86 -13.79 31.45
CA PRO B 62 14.06 -12.93 31.33
C PRO B 62 14.15 -11.85 32.40
N PHE B 63 13.14 -11.69 33.25
CA PHE B 63 13.13 -10.63 34.24
C PHE B 63 13.07 -11.13 35.68
N THR B 64 13.12 -12.44 35.89
CA THR B 64 13.04 -12.99 37.25
C THR B 64 14.16 -12.46 38.14
N SER B 65 15.27 -12.02 37.55
CA SER B 65 16.44 -11.60 38.32
C SER B 65 16.39 -10.13 38.71
N ARG B 66 15.90 -9.26 37.83
CA ARG B 66 15.95 -7.83 38.07
C ARG B 66 14.58 -7.17 38.23
N LEU B 67 13.49 -7.94 38.15
CA LEU B 67 12.16 -7.38 38.30
C LEU B 67 11.65 -7.58 39.72
N SER B 68 10.95 -6.57 40.24
CA SER B 68 10.40 -6.61 41.59
C SER B 68 9.11 -5.81 41.61
N ILE B 69 8.03 -6.45 42.06
CA ILE B 69 6.71 -5.82 42.10
C ILE B 69 6.17 -5.93 43.53
N ASN B 70 5.64 -4.81 44.04
CA ASN B 70 5.02 -4.75 45.36
C ASN B 70 3.75 -3.92 45.25
N LYS B 71 3.00 -3.84 46.34
CA LYS B 71 1.77 -3.06 46.32
C LYS B 71 1.38 -2.66 47.74
N ASP B 72 0.51 -1.65 47.82
CA ASP B 72 -0.10 -1.19 49.07
C ASP B 72 -1.61 -1.15 48.81
N ASN B 73 -2.31 -2.19 49.26
CA ASN B 73 -3.74 -2.29 48.99
C ASN B 73 -4.51 -1.07 49.51
N SER B 74 -4.23 -0.67 50.75
CA SER B 74 -4.96 0.44 51.35
C SER B 74 -4.76 1.73 50.58
N LYS B 75 -3.57 1.93 50.01
CA LYS B 75 -3.29 3.11 49.22
C LYS B 75 -3.54 2.92 47.73
N SER B 76 -3.97 1.73 47.32
CA SER B 76 -4.31 1.44 45.93
C SER B 76 -3.14 1.71 44.99
N GLN B 77 -1.95 1.33 45.44
CA GLN B 77 -0.71 1.59 44.72
C GLN B 77 0.04 0.29 44.48
N VAL B 78 0.51 0.09 43.25
CA VAL B 78 1.37 -1.02 42.89
C VAL B 78 2.73 -0.47 42.49
N PHE B 79 3.79 -1.07 43.00
CA PHE B 79 5.14 -0.55 42.83
C PHE B 79 5.96 -1.47 41.92
N PHE B 80 6.35 -0.94 40.76
CA PHE B 80 7.15 -1.66 39.79
C PHE B 80 8.60 -1.20 39.91
N LYS B 81 9.51 -2.16 40.05
CA LYS B 81 10.93 -1.82 40.09
C LYS B 81 11.73 -2.85 39.29
N MET B 82 12.55 -2.36 38.37
CA MET B 82 13.44 -3.18 37.56
C MET B 82 14.86 -2.65 37.72
N ASN B 83 15.82 -3.56 37.78
CA ASN B 83 17.20 -3.22 38.10
C ASN B 83 18.11 -3.32 36.88
N SER B 84 19.23 -2.61 36.96
CA SER B 84 20.31 -2.66 35.98
C SER B 84 19.78 -2.56 34.55
N LEU B 85 19.19 -1.41 34.26
CA LEU B 85 18.63 -1.16 32.94
C LEU B 85 19.73 -0.86 31.93
N GLN B 86 19.49 -1.22 30.67
CA GLN B 86 20.39 -0.88 29.57
C GLN B 86 19.60 -0.17 28.48
N SER B 87 20.25 0.09 27.33
CA SER B 87 19.62 0.88 26.29
C SER B 87 18.39 0.18 25.73
N ASN B 88 18.47 -1.14 25.51
CA ASN B 88 17.30 -1.83 24.95
C ASN B 88 16.18 -2.00 25.97
N ASP B 89 16.31 -1.42 27.15
CA ASP B 89 15.21 -1.33 28.10
C ASP B 89 14.41 -0.04 27.94
N THR B 90 14.84 0.84 27.03
CA THR B 90 14.06 2.01 26.68
C THR B 90 12.76 1.58 26.01
N ALA B 91 11.64 1.88 26.66
CA ALA B 91 10.33 1.44 26.19
C ALA B 91 9.26 2.22 26.94
N ILE B 92 8.01 2.00 26.55
CA ILE B 92 6.85 2.50 27.27
C ILE B 92 6.33 1.38 28.15
N TYR B 93 6.29 1.62 29.46
CA TYR B 93 5.88 0.61 30.42
C TYR B 93 4.45 0.88 30.86
N TYR B 94 3.61 -0.15 30.80
CA TYR B 94 2.21 -0.05 31.19
C TYR B 94 1.94 -0.95 32.38
N CYS B 95 1.06 -0.50 33.27
CA CYS B 95 0.36 -1.38 34.19
C CYS B 95 -1.05 -1.61 33.67
N ALA B 96 -1.57 -2.81 33.91
CA ALA B 96 -2.84 -3.20 33.29
C ALA B 96 -3.58 -4.16 34.21
N ARG B 97 -4.90 -4.16 34.08
CA ARG B 97 -5.77 -5.07 34.81
C ARG B 97 -6.63 -5.84 33.82
N ALA B 98 -6.90 -7.11 34.13
CA ALA B 98 -7.69 -7.96 33.27
C ALA B 98 -9.17 -7.81 33.60
N LEU B 99 -10.02 -8.49 32.81
CA LEU B 99 -11.45 -8.49 33.08
C LEU B 99 -11.76 -9.19 34.41
N THR B 100 -11.23 -10.40 34.59
CA THR B 100 -11.42 -11.16 35.81
C THR B 100 -10.12 -11.20 36.61
N TYR B 101 -10.23 -11.61 37.88
CA TYR B 101 -9.10 -11.51 38.80
C TYR B 101 -7.96 -12.47 38.44
N TYR B 102 -8.26 -13.54 37.71
CA TYR B 102 -7.29 -14.59 37.43
C TYR B 102 -6.77 -14.57 36.00
N ASP B 103 -7.36 -13.78 35.11
CA ASP B 103 -7.17 -13.94 33.68
C ASP B 103 -6.16 -12.91 33.16
N TYR B 104 -6.02 -12.88 31.82
CA TYR B 104 -4.99 -12.06 31.19
C TYR B 104 -5.51 -11.22 30.02
N GLU B 105 -6.83 -11.09 29.86
CA GLU B 105 -7.37 -10.22 28.82
C GLU B 105 -7.43 -8.82 29.40
N PHE B 106 -6.49 -7.97 28.99
CA PHE B 106 -6.28 -6.68 29.64
C PHE B 106 -7.26 -5.66 29.06
N ALA B 107 -8.34 -5.41 29.80
CA ALA B 107 -9.34 -4.44 29.39
C ALA B 107 -9.04 -3.03 29.92
N TYR B 108 -8.16 -2.90 30.91
CA TYR B 108 -7.84 -1.62 31.52
C TYR B 108 -6.33 -1.44 31.55
N TRP B 109 -5.87 -0.31 31.02
CA TRP B 109 -4.45 -0.01 30.91
C TRP B 109 -4.14 1.32 31.56
N GLY B 110 -2.91 1.46 32.05
CA GLY B 110 -2.40 2.77 32.42
C GLY B 110 -2.05 3.57 31.17
N GLN B 111 -1.85 4.88 31.37
CA GLN B 111 -1.49 5.73 30.24
C GLN B 111 -0.09 5.46 29.72
N GLY B 112 0.72 4.70 30.45
CA GLY B 112 2.06 4.37 29.99
C GLY B 112 3.11 5.33 30.48
N THR B 113 4.28 4.79 30.85
CA THR B 113 5.42 5.58 31.29
C THR B 113 6.56 5.40 30.30
N LEU B 114 6.90 6.46 29.58
CA LEU B 114 8.02 6.41 28.64
C LEU B 114 9.33 6.48 29.43
N VAL B 115 10.13 5.42 29.33
CA VAL B 115 11.39 5.30 30.05
C VAL B 115 12.52 5.40 29.04
N THR B 116 13.40 6.39 29.23
CA THR B 116 14.58 6.57 28.40
C THR B 116 15.82 6.20 29.21
N VAL B 117 16.62 5.29 28.68
CA VAL B 117 17.87 4.88 29.33
C VAL B 117 19.00 5.61 28.63
N SER B 118 19.56 6.62 29.29
CA SER B 118 20.61 7.44 28.71
C SER B 118 21.45 8.04 29.83
N ALA B 119 22.74 8.20 29.55
CA ALA B 119 23.63 8.90 30.46
C ALA B 119 23.52 10.42 30.35
N ALA B 120 22.77 10.91 29.36
CA ALA B 120 22.64 12.35 29.17
C ALA B 120 21.84 12.98 30.31
N SER B 121 21.86 14.30 30.35
CA SER B 121 21.21 15.06 31.41
C SER B 121 19.86 15.58 30.95
N THR B 122 18.96 15.78 31.92
CA THR B 122 17.66 16.35 31.64
C THR B 122 17.81 17.80 31.21
N LYS B 123 17.01 18.22 30.22
CA LYS B 123 17.12 19.56 29.67
C LYS B 123 15.73 20.04 29.29
N GLY B 124 15.30 21.15 29.89
CA GLY B 124 14.01 21.72 29.59
C GLY B 124 14.01 22.44 28.26
N PRO B 125 12.87 22.49 27.59
CA PRO B 125 12.80 23.08 26.25
C PRO B 125 12.61 24.60 26.30
N SER B 126 12.85 25.21 25.14
CA SER B 126 12.46 26.59 24.87
C SER B 126 11.27 26.57 23.92
N VAL B 127 10.28 27.40 24.22
CA VAL B 127 9.04 27.46 23.44
C VAL B 127 9.05 28.77 22.66
N PHE B 128 9.00 28.67 21.34
CA PHE B 128 9.00 29.84 20.46
C PHE B 128 7.71 29.88 19.64
N PRO B 129 7.21 31.07 19.32
CA PRO B 129 5.94 31.17 18.59
C PRO B 129 6.13 31.01 17.09
N LEU B 130 5.15 30.36 16.47
CA LEU B 130 5.04 30.30 15.01
C LEU B 130 3.91 31.26 14.64
N ALA B 131 4.27 32.52 14.35
CA ALA B 131 3.30 33.59 14.25
C ALA B 131 2.64 33.61 12.86
N PRO B 132 1.32 33.81 12.81
CA PRO B 132 0.66 33.95 11.51
C PRO B 132 0.91 35.34 10.92
N SER B 133 0.52 35.48 9.66
CA SER B 133 0.64 36.76 8.98
C SER B 133 -0.42 36.89 7.88
N SER B 134 -0.04 37.46 6.74
CA SER B 134 -0.95 37.63 5.62
C SER B 134 -0.59 36.70 4.47
N SER B 138 -4.90 32.05 4.27
CA SER B 138 -5.35 31.09 3.26
C SER B 138 -6.87 30.99 3.23
N GLY B 139 -7.49 31.92 2.51
CA GLY B 139 -8.94 31.95 2.38
C GLY B 139 -9.66 32.07 3.72
N GLY B 140 -9.23 33.02 4.53
CA GLY B 140 -9.83 33.21 5.85
C GLY B 140 -9.33 32.25 6.91
N THR B 141 -8.36 31.40 6.60
CA THR B 141 -7.80 30.45 7.55
C THR B 141 -6.35 30.82 7.81
N ALA B 142 -6.01 31.03 9.08
CA ALA B 142 -4.66 31.36 9.50
C ALA B 142 -4.07 30.20 10.32
N ALA B 143 -2.83 29.85 10.02
CA ALA B 143 -2.12 28.82 10.75
C ALA B 143 -1.15 29.47 11.74
N LEU B 144 -1.05 28.87 12.92
CA LEU B 144 -0.14 29.35 13.95
C LEU B 144 0.28 28.15 14.78
N GLY B 145 1.31 28.34 15.59
CA GLY B 145 1.77 27.23 16.40
C GLY B 145 2.88 27.62 17.34
N CYS B 146 3.49 26.59 17.93
CA CYS B 146 4.60 26.75 18.86
C CYS B 146 5.73 25.80 18.49
N LEU B 147 6.95 26.26 18.68
CA LEU B 147 8.16 25.46 18.43
C LEU B 147 8.76 25.10 19.79
N VAL B 148 8.67 23.82 20.16
CA VAL B 148 9.20 23.32 21.41
C VAL B 148 10.56 22.70 21.09
N LYS B 149 11.63 23.39 21.47
CA LYS B 149 12.96 23.09 20.95
C LYS B 149 13.94 22.75 22.06
N ASP B 150 14.85 21.82 21.76
CA ASP B 150 16.03 21.53 22.58
C ASP B 150 15.63 21.07 23.98
N TYR B 151 15.09 19.85 24.04
CA TYR B 151 14.74 19.25 25.32
C TYR B 151 15.18 17.79 25.34
N PHE B 152 15.35 17.27 26.55
CA PHE B 152 15.70 15.87 26.75
C PHE B 152 15.34 15.43 28.17
N PRO B 153 14.75 14.23 28.29
CA PRO B 153 14.36 13.40 27.16
C PRO B 153 12.92 13.64 26.75
N GLU B 154 12.36 12.69 25.99
CA GLU B 154 10.94 12.69 25.72
C GLU B 154 10.23 12.21 26.99
N PRO B 155 8.93 12.53 27.13
CA PRO B 155 8.08 13.29 26.22
C PRO B 155 7.82 14.73 26.64
N VAL B 156 7.03 15.43 25.82
CA VAL B 156 6.54 16.76 26.15
C VAL B 156 5.08 16.83 25.72
N THR B 157 4.23 17.36 26.59
CA THR B 157 2.80 17.50 26.30
C THR B 157 2.51 18.91 25.80
N VAL B 158 1.68 19.00 24.77
CA VAL B 158 1.26 20.28 24.22
C VAL B 158 -0.25 20.25 24.04
N SER B 159 -0.93 21.23 24.62
CA SER B 159 -2.34 21.48 24.37
C SER B 159 -2.51 22.94 23.98
N TRP B 160 -3.75 23.33 23.68
CA TRP B 160 -4.05 24.69 23.26
C TRP B 160 -5.24 25.22 24.06
N ASN B 161 -5.04 26.39 24.68
CA ASN B 161 -6.07 27.02 25.51
C ASN B 161 -6.58 26.08 26.60
N SER B 162 -5.63 25.50 27.33
CA SER B 162 -5.89 24.59 28.45
C SER B 162 -6.78 23.41 28.06
N GLY B 163 -6.77 23.02 26.79
CA GLY B 163 -7.58 21.91 26.33
C GLY B 163 -8.85 22.29 25.59
N ALA B 164 -9.26 23.57 25.67
CA ALA B 164 -10.52 23.97 25.03
C ALA B 164 -10.41 24.00 23.51
N LEU B 165 -9.19 24.05 22.96
CA LEU B 165 -8.97 24.13 21.52
C LEU B 165 -8.30 22.85 21.05
N THR B 166 -9.05 22.01 20.34
CA THR B 166 -8.53 20.74 19.85
C THR B 166 -8.74 20.60 18.34
N SER B 167 -9.78 21.24 17.81
CA SER B 167 -10.05 21.18 16.39
C SER B 167 -8.94 21.86 15.60
N GLY B 168 -8.47 21.19 14.55
CA GLY B 168 -7.41 21.72 13.71
C GLY B 168 -6.02 21.63 14.30
N VAL B 169 -5.86 21.01 15.47
CA VAL B 169 -4.55 20.92 16.10
C VAL B 169 -3.77 19.75 15.53
N HIS B 170 -2.51 19.99 15.21
CA HIS B 170 -1.58 18.94 14.82
C HIS B 170 -0.30 19.11 15.64
N THR B 171 0.01 18.10 16.45
CA THR B 171 1.24 18.06 17.23
C THR B 171 2.15 17.00 16.62
N PHE B 172 3.19 17.45 15.92
CA PHE B 172 4.03 16.54 15.17
C PHE B 172 4.92 15.72 16.11
N PRO B 173 5.29 14.51 15.72
CA PRO B 173 6.21 13.72 16.53
C PRO B 173 7.57 14.39 16.65
N ALA B 174 8.20 14.21 17.80
CA ALA B 174 9.49 14.82 18.04
C ALA B 174 10.55 14.23 17.12
N VAL B 175 11.49 15.07 16.70
CA VAL B 175 12.64 14.64 15.92
C VAL B 175 13.89 14.84 16.76
N LEU B 176 14.82 13.89 16.65
CA LEU B 176 16.07 13.96 17.40
C LEU B 176 17.08 14.76 16.58
N GLN B 177 17.53 15.88 17.13
CA GLN B 177 18.49 16.72 16.45
C GLN B 177 19.90 16.15 16.62
N SER B 178 20.81 16.62 15.76
CA SER B 178 22.21 16.18 15.83
C SER B 178 22.85 16.52 17.17
N SER B 179 22.32 17.51 17.90
CA SER B 179 22.85 17.87 19.20
C SER B 179 22.47 16.86 20.29
N GLY B 180 21.68 15.85 19.96
CA GLY B 180 21.18 14.93 20.96
C GLY B 180 19.95 15.41 21.71
N LEU B 181 19.38 16.55 21.34
CA LEU B 181 18.19 17.08 21.97
C LEU B 181 17.00 16.94 21.02
N TYR B 182 15.81 16.80 21.59
CA TYR B 182 14.59 16.65 20.80
C TYR B 182 13.98 18.01 20.49
N SER B 183 13.06 18.00 19.53
CA SER B 183 12.37 19.20 19.08
C SER B 183 11.12 18.79 18.32
N LEU B 184 10.01 19.47 18.61
CA LEU B 184 8.77 19.26 17.88
C LEU B 184 8.05 20.60 17.75
N SER B 185 7.02 20.60 16.90
CA SER B 185 6.14 21.74 16.75
C SER B 185 4.70 21.28 16.89
N SER B 186 3.84 22.21 17.31
CA SER B 186 2.40 21.98 17.42
C SER B 186 1.69 23.13 16.73
N VAL B 187 0.87 22.80 15.74
CA VAL B 187 0.20 23.82 14.93
C VAL B 187 -1.32 23.68 15.09
N VAL B 188 -2.02 24.76 14.75
CA VAL B 188 -3.48 24.78 14.74
C VAL B 188 -3.92 25.81 13.71
N THR B 189 -4.95 25.47 12.94
CA THR B 189 -5.54 26.38 11.97
C THR B 189 -6.82 26.98 12.54
N VAL B 190 -6.92 28.30 12.45
CA VAL B 190 -8.06 29.04 13.02
C VAL B 190 -8.51 30.09 12.01
N PRO B 191 -9.76 30.56 12.14
CA PRO B 191 -10.20 31.66 11.29
C PRO B 191 -9.37 32.91 11.54
N SER B 192 -9.04 33.61 10.45
CA SER B 192 -8.25 34.82 10.56
C SER B 192 -8.98 35.88 11.40
N SER B 193 -10.30 35.96 11.25
CA SER B 193 -11.09 36.95 11.98
C SER B 193 -11.05 36.74 13.48
N SER B 194 -10.81 35.51 13.94
CA SER B 194 -10.73 35.26 15.38
C SER B 194 -9.41 35.70 15.98
N LEU B 195 -8.39 35.98 15.16
CA LEU B 195 -7.10 36.40 15.68
C LEU B 195 -7.15 37.73 16.41
N GLY B 196 -8.25 38.47 16.28
CA GLY B 196 -8.36 39.77 16.94
C GLY B 196 -9.13 39.71 18.24
N THR B 197 -10.03 38.75 18.38
CA THR B 197 -10.88 38.63 19.57
C THR B 197 -10.67 37.32 20.32
N GLN B 198 -9.63 36.56 19.99
CA GLN B 198 -9.37 35.29 20.66
C GLN B 198 -7.88 35.19 20.99
N THR B 199 -7.58 34.68 22.17
CA THR B 199 -6.23 34.41 22.60
C THR B 199 -5.86 32.96 22.30
N TYR B 200 -4.63 32.75 21.85
CA TYR B 200 -4.16 31.43 21.47
C TYR B 200 -2.89 31.11 22.24
N ILE B 201 -2.99 30.17 23.17
CA ILE B 201 -1.90 29.78 24.05
C ILE B 201 -1.62 28.30 23.83
N CYS B 202 -0.35 27.95 23.68
CA CYS B 202 0.07 26.56 23.71
C CYS B 202 0.60 26.25 25.11
N ASN B 203 0.14 25.14 25.68
CA ASN B 203 0.50 24.73 27.04
C ASN B 203 1.55 23.64 26.92
N VAL B 204 2.81 24.02 27.09
CA VAL B 204 3.94 23.09 26.99
C VAL B 204 4.31 22.63 28.39
N ASN B 205 4.55 21.32 28.54
CA ASN B 205 4.92 20.74 29.83
C ASN B 205 5.94 19.64 29.59
N HIS B 206 7.16 19.84 30.07
CA HIS B 206 8.22 18.85 30.00
C HIS B 206 8.44 18.34 31.43
N LYS B 207 7.69 17.31 31.79
CA LYS B 207 7.75 16.75 33.14
C LYS B 207 9.14 16.33 33.60
N PRO B 208 10.00 15.70 32.78
CA PRO B 208 11.32 15.31 33.28
C PRO B 208 12.15 16.47 33.82
N SER B 209 11.91 17.70 33.36
CA SER B 209 12.66 18.87 33.83
C SER B 209 11.79 19.83 34.64
N ASN B 210 10.52 19.50 34.87
CA ASN B 210 9.59 20.40 35.57
C ASN B 210 9.48 21.74 34.84
N THR B 211 9.55 21.70 33.51
CA THR B 211 9.38 22.89 32.69
C THR B 211 7.92 22.97 32.24
N LYS B 212 7.22 23.99 32.72
CA LYS B 212 5.81 24.20 32.40
C LYS B 212 5.66 25.63 31.88
N VAL B 213 5.42 25.76 30.58
CA VAL B 213 5.44 27.05 29.90
C VAL B 213 4.16 27.23 29.11
N ASP B 214 3.55 28.41 29.22
CA ASP B 214 2.43 28.82 28.38
C ASP B 214 2.93 29.92 27.44
N LYS B 215 2.80 29.70 26.14
CA LYS B 215 3.28 30.64 25.14
C LYS B 215 2.09 31.24 24.40
N ARG B 216 1.95 32.57 24.51
CA ARG B 216 0.93 33.29 23.74
C ARG B 216 1.44 33.53 22.33
N VAL B 217 0.65 33.13 21.33
CA VAL B 217 1.03 33.22 19.93
C VAL B 217 0.12 34.23 19.26
N GLU B 218 0.69 35.36 18.85
CA GLU B 218 -0.03 36.45 18.22
C GLU B 218 0.49 36.69 16.82
N PRO B 219 -0.25 37.42 15.98
CA PRO B 219 0.35 37.91 14.73
C PRO B 219 1.46 38.90 15.05
N LYS B 220 2.56 38.79 14.30
CA LYS B 220 3.72 39.64 14.52
C LYS B 220 3.37 41.10 14.21
N ASP C 1 -24.58 -20.94 -3.52
CA ASP C 1 -23.24 -21.36 -3.89
C ASP C 1 -22.24 -21.13 -2.75
N ILE C 2 -21.01 -21.57 -2.96
CA ILE C 2 -19.94 -21.41 -1.98
C ILE C 2 -19.21 -20.11 -2.29
N LEU C 3 -19.39 -19.11 -1.44
CA LEU C 3 -18.67 -17.86 -1.58
C LEU C 3 -17.28 -18.00 -0.98
N LEU C 4 -16.26 -17.63 -1.76
CA LEU C 4 -14.87 -17.68 -1.32
C LEU C 4 -14.36 -16.27 -1.08
N THR C 5 -13.99 -15.98 0.17
CA THR C 5 -13.45 -14.68 0.56
C THR C 5 -11.95 -14.81 0.74
N GLN C 6 -11.19 -14.12 -0.10
CA GLN C 6 -9.74 -14.11 -0.03
C GLN C 6 -9.25 -12.86 0.67
N SER C 7 -8.19 -12.99 1.45
CA SER C 7 -7.67 -11.88 2.24
C SER C 7 -6.15 -11.94 2.34
N PRO C 8 -5.50 -10.77 2.22
CA PRO C 8 -6.14 -9.50 1.90
C PRO C 8 -6.34 -9.31 0.40
N VAL C 9 -6.88 -8.16 0.00
CA VAL C 9 -7.06 -7.90 -1.42
C VAL C 9 -5.71 -7.67 -2.09
N ILE C 10 -4.88 -6.81 -1.49
CA ILE C 10 -3.53 -6.55 -1.98
C ILE C 10 -2.55 -6.97 -0.89
N LEU C 11 -1.48 -7.66 -1.29
CA LEU C 11 -0.49 -8.18 -0.37
C LEU C 11 0.90 -7.77 -0.85
N SER C 12 1.49 -6.79 -0.18
CA SER C 12 2.81 -6.26 -0.52
C SER C 12 3.82 -6.72 0.53
N VAL C 13 4.87 -7.40 0.08
CA VAL C 13 5.90 -7.95 0.96
C VAL C 13 7.27 -7.65 0.36
N SER C 14 8.32 -7.84 1.18
CA SER C 14 9.70 -7.70 0.76
C SER C 14 10.27 -9.05 0.35
N PRO C 15 11.21 -9.08 -0.59
CA PRO C 15 11.75 -10.36 -1.06
C PRO C 15 12.43 -11.12 0.06
N GLY C 16 12.28 -12.44 0.04
CA GLY C 16 12.79 -13.30 1.07
C GLY C 16 11.84 -13.57 2.22
N GLU C 17 10.80 -12.76 2.38
CA GLU C 17 9.86 -12.95 3.47
C GLU C 17 8.96 -14.17 3.19
N ARG C 18 8.25 -14.59 4.23
CA ARG C 18 7.24 -15.64 4.09
C ARG C 18 5.88 -15.00 3.89
N VAL C 19 5.19 -15.41 2.83
CA VAL C 19 3.90 -14.84 2.46
C VAL C 19 2.81 -15.83 2.79
N SER C 20 1.63 -15.31 3.15
CA SER C 20 0.49 -16.14 3.52
C SER C 20 -0.77 -15.54 2.89
N PHE C 21 -1.38 -16.28 1.97
CA PHE C 21 -2.66 -15.92 1.38
C PHE C 21 -3.78 -16.61 2.14
N SER C 22 -4.82 -15.87 2.47
CA SER C 22 -5.96 -16.39 3.23
C SER C 22 -7.15 -16.56 2.29
N CYS C 23 -7.77 -17.73 2.35
CA CYS C 23 -8.99 -18.04 1.61
C CYS C 23 -9.99 -18.65 2.57
N ARG C 24 -11.11 -17.98 2.79
CA ARG C 24 -12.12 -18.44 3.72
C ARG C 24 -13.38 -18.79 2.95
N ALA C 25 -13.87 -20.01 3.17
CA ALA C 25 -15.08 -20.48 2.52
C ALA C 25 -16.30 -20.14 3.37
N SER C 26 -17.41 -19.80 2.70
CA SER C 26 -18.62 -19.42 3.41
C SER C 26 -19.18 -20.58 4.23
N GLN C 27 -18.73 -21.80 3.97
CA GLN C 27 -19.11 -22.96 4.76
C GLN C 27 -18.01 -24.01 4.59
N SER C 28 -18.12 -25.08 5.38
CA SER C 28 -17.07 -26.09 5.41
C SER C 28 -16.99 -26.82 4.07
N ILE C 29 -15.76 -27.03 3.60
CA ILE C 29 -15.52 -27.71 2.34
C ILE C 29 -14.42 -28.74 2.52
N GLY C 30 -14.19 -29.16 3.76
CA GLY C 30 -13.14 -30.11 4.08
C GLY C 30 -11.78 -29.61 3.64
N THR C 31 -11.18 -30.30 2.66
CA THR C 31 -9.93 -29.86 2.06
C THR C 31 -10.05 -29.73 0.54
N ASN C 32 -11.28 -29.57 0.03
CA ASN C 32 -11.52 -29.54 -1.41
C ASN C 32 -11.26 -28.13 -1.97
N ILE C 33 -10.03 -27.67 -1.78
CA ILE C 33 -9.63 -26.33 -2.24
C ILE C 33 -8.35 -26.46 -3.04
N HIS C 34 -8.29 -25.73 -4.16
CA HIS C 34 -7.12 -25.68 -5.00
C HIS C 34 -6.67 -24.23 -5.14
N TRP C 35 -5.37 -24.04 -5.38
CA TRP C 35 -4.78 -22.71 -5.53
C TRP C 35 -4.20 -22.55 -6.93
N TYR C 36 -4.28 -21.32 -7.44
CA TYR C 36 -3.76 -20.98 -8.76
C TYR C 36 -2.95 -19.70 -8.69
N GLN C 37 -2.00 -19.57 -9.60
CA GLN C 37 -1.21 -18.36 -9.80
C GLN C 37 -1.44 -17.87 -11.22
N GLN C 38 -1.70 -16.57 -11.38
CA GLN C 38 -1.92 -15.98 -12.69
C GLN C 38 -0.96 -14.81 -12.88
N ARG C 39 -0.03 -14.95 -13.80
CA ARG C 39 0.86 -13.87 -14.18
C ARG C 39 0.19 -12.98 -15.23
N THR C 40 0.84 -11.86 -15.53
CA THR C 40 0.31 -10.93 -16.51
C THR C 40 0.20 -11.59 -17.88
N ASN C 41 -0.99 -11.49 -18.48
CA ASN C 41 -1.31 -12.05 -19.79
C ASN C 41 -1.25 -13.57 -19.83
N GLY C 42 -1.20 -14.24 -18.67
CA GLY C 42 -1.13 -15.67 -18.64
C GLY C 42 -2.39 -16.33 -18.11
N SER C 43 -2.55 -17.62 -18.40
CA SER C 43 -3.64 -18.39 -17.84
C SER C 43 -3.30 -18.82 -16.41
N PRO C 44 -4.30 -19.18 -15.62
CA PRO C 44 -4.02 -19.66 -14.26
C PRO C 44 -3.11 -20.88 -14.28
N ARG C 45 -2.24 -20.96 -13.27
CA ARG C 45 -1.33 -22.09 -13.11
C ARG C 45 -1.62 -22.77 -11.78
N LEU C 46 -1.93 -24.06 -11.83
CA LEU C 46 -2.25 -24.82 -10.62
C LEU C 46 -1.02 -24.93 -9.73
N LEU C 47 -1.16 -24.51 -8.47
CA LEU C 47 -0.08 -24.54 -7.49
C LEU C 47 -0.26 -25.67 -6.47
N ILE C 48 -1.43 -25.74 -5.85
CA ILE C 48 -1.73 -26.74 -4.82
C ILE C 48 -3.10 -27.32 -5.12
N LYS C 49 -3.24 -28.63 -4.93
CA LYS C 49 -4.54 -29.30 -5.02
C LYS C 49 -4.89 -29.90 -3.67
N TYR C 50 -6.18 -29.82 -3.33
CA TYR C 50 -6.71 -30.35 -2.08
C TYR C 50 -5.93 -29.81 -0.88
N ALA C 51 -5.89 -28.48 -0.79
CA ALA C 51 -5.38 -27.73 0.34
C ALA C 51 -3.87 -27.81 0.52
N SER C 52 -3.28 -29.01 0.39
CA SER C 52 -1.89 -29.19 0.77
C SER C 52 -1.04 -30.02 -0.19
N GLU C 53 -1.61 -30.58 -1.25
CA GLU C 53 -0.86 -31.51 -2.09
C GLU C 53 -0.09 -30.77 -3.18
N SER C 54 1.13 -31.23 -3.44
CA SER C 54 2.03 -30.58 -4.37
C SER C 54 1.69 -30.93 -5.81
N ILE C 55 2.01 -30.02 -6.72
CA ILE C 55 1.83 -30.21 -8.15
C ILE C 55 3.21 -30.31 -8.80
N SER C 56 3.31 -31.14 -9.83
CA SER C 56 4.58 -31.36 -10.51
C SER C 56 5.08 -30.08 -11.17
N GLY C 57 6.33 -29.72 -10.90
CA GLY C 57 6.96 -28.56 -11.50
C GLY C 57 6.82 -27.28 -10.72
N ILE C 58 6.06 -27.26 -9.62
CA ILE C 58 5.85 -26.06 -8.82
C ILE C 58 6.99 -25.93 -7.83
N PRO C 59 7.58 -24.74 -7.66
CA PRO C 59 8.69 -24.59 -6.72
C PRO C 59 8.32 -25.03 -5.31
N SER C 60 9.30 -25.59 -4.61
CA SER C 60 9.07 -26.14 -3.28
C SER C 60 8.66 -25.07 -2.27
N ARG C 61 8.96 -23.80 -2.55
CA ARG C 61 8.58 -22.73 -1.63
C ARG C 61 7.07 -22.55 -1.53
N PHE C 62 6.30 -23.11 -2.44
CA PHE C 62 4.85 -23.05 -2.37
C PHE C 62 4.31 -24.20 -1.54
N SER C 63 3.39 -23.89 -0.64
CA SER C 63 2.75 -24.90 0.20
C SER C 63 1.39 -24.40 0.62
N GLY C 64 0.57 -25.31 1.14
CA GLY C 64 -0.77 -24.97 1.56
C GLY C 64 -1.19 -25.79 2.76
N SER C 65 -2.14 -25.24 3.50
CA SER C 65 -2.65 -25.90 4.71
C SER C 65 -4.10 -25.47 4.93
N GLY C 66 -4.72 -26.10 5.90
CA GLY C 66 -6.07 -25.71 6.28
C GLY C 66 -7.10 -26.78 5.91
N SER C 67 -8.11 -26.91 6.77
CA SER C 67 -9.22 -27.82 6.53
C SER C 67 -10.48 -27.21 7.13
N GLY C 68 -11.59 -27.31 6.42
CA GLY C 68 -12.84 -26.75 6.87
C GLY C 68 -13.23 -25.49 6.13
N THR C 69 -12.96 -24.33 6.73
CA THR C 69 -13.30 -23.05 6.13
C THR C 69 -12.11 -22.13 5.92
N ASP C 70 -11.09 -22.19 6.77
CA ASP C 70 -9.93 -21.31 6.68
C ASP C 70 -8.78 -22.05 6.01
N PHE C 71 -8.25 -21.46 4.94
CA PHE C 71 -7.18 -22.08 4.17
C PHE C 71 -6.07 -21.07 3.92
N THR C 72 -4.87 -21.58 3.69
CA THR C 72 -3.67 -20.75 3.61
C THR C 72 -2.76 -21.26 2.51
N LEU C 73 -2.31 -20.36 1.64
CA LEU C 73 -1.26 -20.62 0.66
C LEU C 73 0.00 -19.88 1.11
N SER C 74 1.13 -20.59 1.14
CA SER C 74 2.35 -20.07 1.74
C SER C 74 3.51 -20.09 0.76
N ILE C 75 4.37 -19.08 0.88
CA ILE C 75 5.61 -18.96 0.12
C ILE C 75 6.69 -18.60 1.15
N ASN C 76 7.54 -19.57 1.49
CA ASN C 76 8.46 -19.37 2.62
C ASN C 76 9.47 -18.27 2.34
N SER C 77 9.94 -18.15 1.10
CA SER C 77 10.88 -17.10 0.72
C SER C 77 10.41 -16.53 -0.63
N VAL C 78 9.67 -15.42 -0.57
CA VAL C 78 9.07 -14.87 -1.77
C VAL C 78 10.16 -14.35 -2.71
N GLU C 79 9.95 -14.55 -4.00
CA GLU C 79 10.89 -14.12 -5.03
C GLU C 79 10.22 -13.10 -5.94
N SER C 80 11.04 -12.38 -6.70
CA SER C 80 10.51 -11.36 -7.60
C SER C 80 9.60 -11.97 -8.64
N GLU C 81 9.93 -13.18 -9.14
CA GLU C 81 9.08 -13.82 -10.13
C GLU C 81 7.72 -14.25 -9.59
N ASP C 82 7.53 -14.27 -8.27
CA ASP C 82 6.24 -14.63 -7.71
C ASP C 82 5.20 -13.51 -7.85
N ILE C 83 5.60 -12.34 -8.32
CA ILE C 83 4.67 -11.24 -8.53
C ILE C 83 3.56 -11.68 -9.47
N ALA C 84 2.36 -11.86 -8.93
CA ALA C 84 1.21 -12.33 -9.70
C ALA C 84 -0.04 -12.21 -8.85
N ASP C 85 -1.17 -12.63 -9.43
CA ASP C 85 -2.42 -12.76 -8.71
C ASP C 85 -2.64 -14.22 -8.34
N TYR C 86 -3.24 -14.45 -7.18
CA TYR C 86 -3.40 -15.80 -6.65
C TYR C 86 -4.85 -16.05 -6.29
N TYR C 87 -5.39 -17.18 -6.74
CA TYR C 87 -6.79 -17.52 -6.57
C TYR C 87 -6.92 -18.87 -5.87
N CYS C 88 -7.97 -18.99 -5.06
CA CYS C 88 -8.37 -20.27 -4.50
C CYS C 88 -9.65 -20.74 -5.17
N GLN C 89 -9.84 -22.06 -5.17
CA GLN C 89 -10.97 -22.68 -5.85
C GLN C 89 -11.48 -23.84 -5.00
N GLN C 90 -12.79 -23.85 -4.74
CA GLN C 90 -13.42 -24.94 -4.01
C GLN C 90 -14.18 -25.83 -4.97
N ASN C 91 -14.24 -27.13 -4.64
CA ASN C 91 -15.02 -28.09 -5.42
C ASN C 91 -15.68 -29.12 -4.51
N ASN C 92 -15.95 -28.76 -3.26
CA ASN C 92 -16.73 -29.62 -2.40
C ASN C 92 -18.23 -29.53 -2.69
N ASN C 93 -18.67 -28.43 -3.30
CA ASN C 93 -20.07 -28.25 -3.67
C ASN C 93 -20.15 -27.76 -5.11
N TRP C 94 -21.14 -28.27 -5.84
CA TRP C 94 -21.35 -27.92 -7.24
C TRP C 94 -22.14 -26.61 -7.35
N PRO C 95 -21.72 -25.73 -8.27
CA PRO C 95 -20.55 -25.88 -9.13
C PRO C 95 -19.27 -25.40 -8.46
N THR C 96 -18.12 -25.80 -8.98
CA THR C 96 -16.86 -25.29 -8.46
C THR C 96 -16.80 -23.77 -8.63
N THR C 97 -16.25 -23.09 -7.64
CA THR C 97 -16.19 -21.64 -7.63
C THR C 97 -14.80 -21.18 -7.24
N PHE C 98 -14.49 -19.94 -7.60
CA PHE C 98 -13.19 -19.33 -7.35
C PHE C 98 -13.37 -18.13 -6.43
N GLY C 99 -12.29 -17.81 -5.71
CA GLY C 99 -12.26 -16.58 -4.95
C GLY C 99 -12.03 -15.38 -5.86
N ALA C 100 -12.14 -14.19 -5.26
CA ALA C 100 -11.91 -12.97 -6.02
C ALA C 100 -10.44 -12.70 -6.30
N GLY C 101 -9.54 -13.33 -5.57
CA GLY C 101 -8.12 -13.23 -5.84
C GLY C 101 -7.43 -12.27 -4.88
N THR C 102 -6.10 -12.40 -4.82
CA THR C 102 -5.24 -11.54 -4.03
C THR C 102 -4.03 -11.17 -4.87
N LYS C 103 -3.72 -9.87 -4.91
CA LYS C 103 -2.59 -9.37 -5.69
C LYS C 103 -1.33 -9.40 -4.83
N LEU C 104 -0.27 -9.98 -5.37
CA LEU C 104 1.02 -10.05 -4.68
C LEU C 104 1.93 -8.98 -5.26
N GLU C 105 2.06 -7.87 -4.53
CA GLU C 105 3.02 -6.83 -4.86
C GLU C 105 4.30 -7.06 -4.08
N LEU C 106 5.42 -6.64 -4.66
CA LEU C 106 6.72 -6.78 -4.03
C LEU C 106 7.35 -5.43 -3.76
N LYS C 107 8.00 -5.32 -2.61
CA LYS C 107 8.69 -4.10 -2.22
C LYS C 107 10.13 -4.15 -2.70
N ARG C 108 10.66 -2.98 -3.07
CA ARG C 108 12.05 -2.86 -3.44
C ARG C 108 12.50 -1.43 -3.15
N THR C 109 13.79 -1.17 -3.36
CA THR C 109 14.32 0.16 -3.13
C THR C 109 13.79 1.12 -4.19
N VAL C 110 13.82 2.41 -3.85
CA VAL C 110 13.36 3.46 -4.76
C VAL C 110 14.32 3.55 -5.95
N ALA C 111 13.74 3.62 -7.15
CA ALA C 111 14.51 3.74 -8.38
C ALA C 111 13.93 4.89 -9.21
N ALA C 112 14.78 5.85 -9.56
CA ALA C 112 14.33 6.94 -10.38
C ALA C 112 14.01 6.45 -11.80
N PRO C 113 13.01 7.05 -12.43
CA PRO C 113 12.72 6.69 -13.82
C PRO C 113 13.74 7.26 -14.78
N SER C 114 13.97 6.55 -15.86
CA SER C 114 14.73 7.04 -17.00
C SER C 114 13.72 7.50 -18.06
N VAL C 115 13.82 8.77 -18.44
CA VAL C 115 12.81 9.43 -19.26
C VAL C 115 13.28 9.53 -20.70
N PHE C 116 12.37 9.27 -21.63
CA PHE C 116 12.61 9.40 -23.06
C PHE C 116 11.39 10.02 -23.72
N ILE C 117 11.62 10.93 -24.66
CA ILE C 117 10.54 11.58 -25.39
C ILE C 117 10.68 11.22 -26.87
N PHE C 118 9.54 10.96 -27.52
CA PHE C 118 9.51 10.57 -28.92
C PHE C 118 8.64 11.55 -29.71
N PRO C 119 9.18 12.22 -30.71
CA PRO C 119 8.36 13.08 -31.55
C PRO C 119 7.45 12.26 -32.44
N PRO C 120 6.38 12.84 -32.98
CA PRO C 120 5.55 12.10 -33.94
C PRO C 120 6.32 11.87 -35.24
N SER C 121 6.00 10.75 -35.89
CA SER C 121 6.62 10.43 -37.16
C SER C 121 5.91 11.15 -38.30
N ASP C 122 6.65 11.42 -39.37
CA ASP C 122 6.06 12.03 -40.55
C ASP C 122 4.96 11.17 -41.14
N GLU C 123 5.07 9.84 -41.00
CA GLU C 123 4.03 8.96 -41.50
CA GLU C 123 4.02 8.97 -41.52
C GLU C 123 2.68 9.25 -40.83
N GLN C 124 2.70 9.53 -39.53
CA GLN C 124 1.45 9.77 -38.82
C GLN C 124 0.90 11.16 -39.13
N LEU C 125 1.79 12.14 -39.33
CA LEU C 125 1.34 13.51 -39.59
C LEU C 125 0.45 13.58 -40.82
N LYS C 126 0.65 12.69 -41.80
CA LYS C 126 -0.20 12.67 -42.98
C LYS C 126 -1.63 12.27 -42.66
N SER C 127 -1.87 11.67 -41.49
CA SER C 127 -3.23 11.33 -41.07
C SER C 127 -3.97 12.51 -40.45
N GLY C 128 -3.28 13.62 -40.20
CA GLY C 128 -3.89 14.74 -39.52
C GLY C 128 -3.83 14.68 -38.02
N THR C 129 -2.93 13.85 -37.46
CA THR C 129 -2.82 13.68 -36.02
C THR C 129 -1.36 13.45 -35.66
N ALA C 130 -0.93 14.04 -34.56
CA ALA C 130 0.43 13.89 -34.05
C ALA C 130 0.38 13.32 -32.64
N SER C 131 1.11 12.24 -32.41
CA SER C 131 1.20 11.60 -31.11
C SER C 131 2.60 11.78 -30.56
N VAL C 132 2.71 12.49 -29.44
CA VAL C 132 3.96 12.66 -28.73
C VAL C 132 3.96 11.72 -27.53
N VAL C 133 5.01 10.92 -27.40
CA VAL C 133 5.06 9.88 -26.40
C VAL C 133 6.20 10.20 -25.47
N CYS C 134 5.97 10.00 -24.18
CA CYS C 134 7.00 10.13 -23.16
C CYS C 134 7.05 8.83 -22.39
N LEU C 135 8.24 8.25 -22.26
CA LEU C 135 8.44 6.98 -21.61
C LEU C 135 9.20 7.15 -20.30
N LEU C 136 8.66 6.55 -19.24
CA LEU C 136 9.27 6.51 -17.92
C LEU C 136 9.61 5.06 -17.63
N ASN C 137 10.90 4.75 -17.57
CA ASN C 137 11.38 3.38 -17.63
C ASN C 137 11.93 2.92 -16.29
N ASN C 138 11.47 1.75 -15.84
CA ASN C 138 12.04 1.00 -14.72
C ASN C 138 12.22 1.90 -13.49
N PHE C 139 11.11 2.20 -12.83
CA PHE C 139 11.11 3.05 -11.66
C PHE C 139 10.29 2.43 -10.54
N TYR C 140 10.55 2.91 -9.33
CA TYR C 140 9.80 2.48 -8.15
C TYR C 140 9.79 3.61 -7.11
N PRO C 141 8.64 3.87 -6.47
CA PRO C 141 7.37 3.13 -6.60
C PRO C 141 6.53 3.51 -7.81
N ARG C 142 5.25 3.17 -7.75
CA ARG C 142 4.42 3.22 -8.95
C ARG C 142 3.99 4.64 -9.29
N GLU C 143 3.94 5.53 -8.31
CA GLU C 143 3.39 6.86 -8.52
C GLU C 143 4.40 7.77 -9.20
N ALA C 144 3.95 8.45 -10.25
CA ALA C 144 4.78 9.41 -10.98
C ALA C 144 3.86 10.37 -11.69
N LYS C 145 4.35 11.59 -11.92
CA LYS C 145 3.60 12.66 -12.54
C LYS C 145 4.29 13.06 -13.84
N VAL C 146 3.55 13.00 -14.95
CA VAL C 146 4.02 13.47 -16.25
C VAL C 146 3.26 14.74 -16.59
N GLN C 147 3.99 15.79 -16.93
CA GLN C 147 3.41 17.07 -17.32
C GLN C 147 3.90 17.43 -18.71
N TRP C 148 2.96 17.64 -19.63
CA TRP C 148 3.27 18.04 -20.99
C TRP C 148 3.25 19.56 -21.12
N LYS C 149 4.27 20.11 -21.76
CA LYS C 149 4.33 21.54 -22.03
C LYS C 149 4.62 21.75 -23.52
N VAL C 150 3.79 22.56 -24.16
CA VAL C 150 3.92 22.90 -25.58
C VAL C 150 4.12 24.40 -25.67
N ASP C 151 5.31 24.83 -26.10
CA ASP C 151 5.72 26.23 -26.04
C ASP C 151 5.50 26.79 -24.63
N ASN C 152 5.79 25.95 -23.63
CA ASN C 152 5.72 26.26 -22.21
C ASN C 152 4.29 26.39 -21.69
N ALA C 153 3.31 25.86 -22.42
CA ALA C 153 1.92 25.85 -22.00
C ALA C 153 1.57 24.47 -21.47
N LEU C 154 1.05 24.41 -20.25
CA LEU C 154 0.69 23.13 -19.64
C LEU C 154 -0.50 22.51 -20.35
N GLN C 155 -0.35 21.28 -20.80
CA GLN C 155 -1.41 20.55 -21.49
C GLN C 155 -2.30 19.85 -20.49
N SER C 156 -3.60 19.85 -20.76
CA SER C 156 -4.56 19.18 -19.89
C SER C 156 -5.71 18.64 -20.73
N GLY C 157 -6.00 17.35 -20.58
CA GLY C 157 -7.11 16.70 -21.26
C GLY C 157 -6.75 15.99 -22.54
N ASN C 158 -5.53 16.14 -23.05
CA ASN C 158 -5.12 15.53 -24.30
C ASN C 158 -3.98 14.54 -24.12
N SER C 159 -3.92 13.88 -22.96
CA SER C 159 -2.89 12.88 -22.70
C SER C 159 -3.52 11.68 -22.02
N GLN C 160 -2.92 10.51 -22.23
CA GLN C 160 -3.35 9.27 -21.61
C GLN C 160 -2.13 8.46 -21.19
N GLU C 161 -2.18 7.90 -19.99
CA GLU C 161 -1.07 7.13 -19.45
C GLU C 161 -1.38 5.63 -19.51
N SER C 162 -0.31 4.83 -19.44
CA SER C 162 -0.41 3.38 -19.37
C SER C 162 0.79 2.86 -18.60
N VAL C 163 0.55 2.01 -17.62
CA VAL C 163 1.58 1.52 -16.72
C VAL C 163 1.65 0.01 -16.80
N THR C 164 2.86 -0.52 -16.83
CA THR C 164 3.07 -1.97 -16.79
C THR C 164 2.93 -2.47 -15.35
N GLU C 165 2.80 -3.79 -15.22
CA GLU C 165 2.87 -4.41 -13.90
C GLU C 165 4.32 -4.52 -13.46
N GLN C 166 4.51 -4.91 -12.21
CA GLN C 166 5.87 -5.05 -11.68
C GLN C 166 6.66 -6.08 -12.48
N ASP C 167 7.82 -5.66 -12.97
CA ASP C 167 8.68 -6.56 -13.74
C ASP C 167 9.14 -7.71 -12.86
N SER C 168 8.97 -8.94 -13.37
CA SER C 168 9.25 -10.13 -12.57
C SER C 168 10.71 -10.29 -12.21
N LYS C 169 11.61 -9.49 -12.79
CA LYS C 169 13.04 -9.60 -12.53
C LYS C 169 13.54 -8.54 -11.55
N ASP C 170 13.22 -7.26 -11.79
CA ASP C 170 13.70 -6.19 -10.92
C ASP C 170 12.59 -5.46 -10.17
N SER C 171 11.34 -5.89 -10.30
CA SER C 171 10.18 -5.37 -9.58
C SER C 171 9.93 -3.89 -9.82
N THR C 172 10.29 -3.36 -10.99
CA THR C 172 10.05 -1.96 -11.31
C THR C 172 8.79 -1.81 -12.15
N TYR C 173 8.37 -0.56 -12.32
CA TYR C 173 7.28 -0.20 -13.21
C TYR C 173 7.82 0.58 -14.40
N SER C 174 7.04 0.56 -15.49
CA SER C 174 7.29 1.42 -16.64
C SER C 174 5.99 2.09 -17.04
N LEU C 175 6.08 3.34 -17.48
CA LEU C 175 4.91 4.12 -17.81
C LEU C 175 5.09 4.80 -19.15
N SER C 176 4.01 4.92 -19.91
CA SER C 176 4.03 5.65 -21.16
CA SER C 176 4.02 5.64 -21.18
C SER C 176 2.88 6.64 -21.18
N SER C 177 3.20 7.91 -21.40
CA SER C 177 2.23 8.98 -21.57
C SER C 177 2.24 9.39 -23.04
N THR C 178 1.05 9.56 -23.61
CA THR C 178 0.87 9.89 -25.01
C THR C 178 0.09 11.20 -25.13
N LEU C 179 0.69 12.19 -25.79
CA LEU C 179 0.04 13.47 -26.07
C LEU C 179 -0.51 13.43 -27.49
N THR C 180 -1.80 13.70 -27.62
CA THR C 180 -2.49 13.64 -28.91
C THR C 180 -2.86 15.06 -29.32
N LEU C 181 -2.26 15.54 -30.41
CA LEU C 181 -2.56 16.84 -30.98
C LEU C 181 -3.01 16.68 -32.42
N SER C 182 -3.78 17.66 -32.89
CA SER C 182 -3.99 17.76 -34.32
C SER C 182 -2.70 18.18 -35.01
N LYS C 183 -2.58 17.83 -36.29
CA LYS C 183 -1.42 18.24 -37.06
C LYS C 183 -1.30 19.76 -37.12
N ALA C 184 -2.45 20.44 -37.25
CA ALA C 184 -2.45 21.91 -37.26
C ALA C 184 -1.84 22.46 -35.98
N ASP C 185 -2.32 21.97 -34.83
CA ASP C 185 -1.78 22.45 -33.56
CA ASP C 185 -1.80 22.42 -33.54
C ASP C 185 -0.31 22.07 -33.41
N TYR C 186 0.07 20.88 -33.85
CA TYR C 186 1.47 20.46 -33.71
C TYR C 186 2.40 21.35 -34.52
N GLU C 187 1.97 21.77 -35.72
CA GLU C 187 2.83 22.58 -36.57
C GLU C 187 2.93 24.02 -36.09
N LYS C 188 2.01 24.45 -35.23
CA LYS C 188 1.94 25.82 -34.75
C LYS C 188 2.92 26.11 -33.62
N HIS C 189 3.57 25.09 -33.06
CA HIS C 189 4.43 25.28 -31.90
C HIS C 189 5.74 24.54 -32.10
N LYS C 190 6.73 24.90 -31.28
CA LYS C 190 8.09 24.45 -31.46
C LYS C 190 8.58 23.52 -30.35
N VAL C 191 8.53 23.96 -29.10
CA VAL C 191 9.13 23.23 -27.99
C VAL C 191 8.12 22.26 -27.41
N TYR C 192 8.48 20.98 -27.36
CA TYR C 192 7.66 19.92 -26.80
C TYR C 192 8.42 19.22 -25.69
N ALA C 193 7.85 19.22 -24.49
CA ALA C 193 8.56 18.87 -23.27
C ALA C 193 7.71 17.95 -22.40
N CYS C 194 8.39 17.01 -21.78
CA CYS C 194 7.80 16.04 -20.87
C CYS C 194 8.55 16.21 -19.55
N GLU C 195 7.87 16.69 -18.52
CA GLU C 195 8.48 16.90 -17.22
C GLU C 195 7.98 15.84 -16.24
N VAL C 196 8.91 15.10 -15.65
CA VAL C 196 8.59 13.92 -14.84
C VAL C 196 8.93 14.24 -13.38
N THR C 197 7.97 14.02 -12.50
CA THR C 197 8.15 14.13 -11.06
C THR C 197 8.00 12.76 -10.43
N HIS C 198 8.94 12.39 -9.57
CA HIS C 198 8.93 11.06 -8.96
C HIS C 198 9.69 11.13 -7.64
N GLN C 199 9.28 10.26 -6.70
CA GLN C 199 9.90 10.22 -5.38
C GLN C 199 11.41 9.98 -5.46
N GLY C 200 11.86 9.25 -6.48
CA GLY C 200 13.27 8.96 -6.69
C GLY C 200 14.08 10.04 -7.35
N LEU C 201 13.46 11.17 -7.69
CA LEU C 201 14.16 12.29 -8.30
C LEU C 201 14.21 13.46 -7.32
N SER C 202 15.41 14.02 -7.13
CA SER C 202 15.54 15.18 -6.25
C SER C 202 14.79 16.38 -6.81
N SER C 203 14.82 16.56 -8.12
CA SER C 203 14.11 17.62 -8.82
C SER C 203 13.56 17.04 -10.11
N PRO C 204 12.53 17.67 -10.69
CA PRO C 204 11.90 17.09 -11.89
C PRO C 204 12.86 16.99 -13.05
N VAL C 205 12.68 15.94 -13.85
CA VAL C 205 13.46 15.71 -15.06
C VAL C 205 12.60 16.05 -16.26
N THR C 206 13.16 16.86 -17.17
CA THR C 206 12.46 17.29 -18.38
C THR C 206 13.22 16.81 -19.61
N LYS C 207 12.50 16.16 -20.52
CA LYS C 207 13.04 15.78 -21.82
C LYS C 207 12.27 16.55 -22.89
N SER C 208 13.00 17.13 -23.84
CA SER C 208 12.39 18.04 -24.80
C SER C 208 12.96 17.81 -26.19
N PHE C 209 12.22 18.29 -27.18
CA PHE C 209 12.67 18.35 -28.56
C PHE C 209 12.02 19.54 -29.24
N ASN C 210 12.59 19.94 -30.37
CA ASN C 210 12.06 21.03 -31.18
C ASN C 210 11.62 20.49 -32.52
N ARG C 211 10.35 20.74 -32.86
CA ARG C 211 9.86 20.43 -34.20
C ARG C 211 10.65 21.25 -35.20
N GLY C 212 11.23 20.57 -36.18
CA GLY C 212 12.24 21.09 -37.07
C GLY C 212 13.56 20.39 -36.89
N ALA C 213 14.27 20.69 -35.78
CA ALA C 213 15.61 20.12 -35.49
C ALA C 213 15.63 18.59 -35.40
N GLN D 1 3.64 -33.54 -25.07
CA GLN D 1 3.23 -32.60 -24.04
C GLN D 1 1.74 -32.28 -24.15
N VAL D 2 1.08 -32.18 -23.00
CA VAL D 2 -0.34 -31.86 -22.95
C VAL D 2 -0.53 -30.38 -23.23
N GLN D 3 -1.36 -30.05 -24.22
CA GLN D 3 -1.57 -28.67 -24.60
C GLN D 3 -3.00 -28.49 -25.11
N LEU D 4 -3.57 -27.33 -24.79
CA LEU D 4 -4.88 -26.91 -25.29
C LEU D 4 -4.69 -25.59 -26.02
N LYS D 5 -5.14 -25.53 -27.27
CA LYS D 5 -4.95 -24.35 -28.11
C LYS D 5 -6.29 -23.93 -28.67
N GLN D 6 -6.71 -22.72 -28.34
CA GLN D 6 -8.02 -22.20 -28.72
C GLN D 6 -7.91 -21.36 -29.98
N SER D 7 -9.06 -21.19 -30.64
CA SER D 7 -9.11 -20.36 -31.84
C SER D 7 -8.92 -18.89 -31.47
N GLY D 8 -8.72 -18.07 -32.50
CA GLY D 8 -8.34 -16.68 -32.31
C GLY D 8 -9.39 -15.85 -31.61
N PRO D 9 -9.00 -14.64 -31.18
CA PRO D 9 -9.94 -13.76 -30.50
C PRO D 9 -10.98 -13.21 -31.48
N GLY D 10 -12.22 -13.11 -31.02
CA GLY D 10 -13.32 -12.74 -31.87
C GLY D 10 -14.13 -11.60 -31.30
N LEU D 11 -14.73 -10.84 -32.22
CA LEU D 11 -15.68 -9.78 -31.89
C LEU D 11 -17.08 -10.27 -32.19
N VAL D 12 -17.97 -10.18 -31.21
CA VAL D 12 -19.33 -10.69 -31.32
C VAL D 12 -20.30 -9.53 -31.14
N GLN D 13 -21.25 -9.40 -32.06
CA GLN D 13 -22.24 -8.36 -31.95
C GLN D 13 -23.21 -8.66 -30.81
N PRO D 14 -23.84 -7.65 -30.23
CA PRO D 14 -24.82 -7.90 -29.17
C PRO D 14 -25.94 -8.81 -29.65
N SER D 15 -26.35 -9.73 -28.77
CA SER D 15 -27.37 -10.76 -28.98
C SER D 15 -26.94 -11.83 -29.98
N GLN D 16 -25.68 -11.84 -30.40
CA GLN D 16 -25.21 -12.82 -31.37
C GLN D 16 -24.50 -13.97 -30.66
N SER D 17 -24.04 -14.94 -31.45
CA SER D 17 -23.48 -16.18 -30.94
C SER D 17 -21.97 -16.09 -30.85
N LEU D 18 -21.41 -16.87 -29.92
CA LEU D 18 -19.98 -16.98 -29.71
C LEU D 18 -19.56 -18.42 -29.96
N SER D 19 -18.48 -18.61 -30.70
CA SER D 19 -18.00 -19.94 -31.06
C SER D 19 -16.49 -20.00 -30.90
N ILE D 20 -16.01 -20.95 -30.11
CA ILE D 20 -14.59 -21.14 -29.86
C ILE D 20 -14.26 -22.62 -30.00
N THR D 21 -13.12 -22.92 -30.63
CA THR D 21 -12.66 -24.29 -30.81
C THR D 21 -11.43 -24.53 -29.96
N CYS D 22 -11.44 -25.62 -29.20
CA CYS D 22 -10.32 -26.02 -28.34
C CYS D 22 -9.72 -27.29 -28.93
N THR D 23 -8.56 -27.16 -29.57
CA THR D 23 -7.85 -28.30 -30.11
C THR D 23 -6.85 -28.80 -29.08
N VAL D 24 -6.90 -30.10 -28.78
CA VAL D 24 -6.11 -30.67 -27.70
C VAL D 24 -4.97 -31.49 -28.29
N SER D 25 -3.90 -31.62 -27.51
CA SER D 25 -2.71 -32.37 -27.90
C SER D 25 -2.12 -33.04 -26.68
N GLY D 26 -1.47 -34.19 -26.90
CA GLY D 26 -0.85 -34.92 -25.82
C GLY D 26 -1.78 -35.78 -25.01
N PHE D 27 -3.08 -35.79 -25.30
CA PHE D 27 -4.03 -36.66 -24.63
C PHE D 27 -5.26 -36.81 -25.52
N SER D 28 -6.06 -37.82 -25.21
CA SER D 28 -7.25 -38.14 -25.98
C SER D 28 -8.50 -37.59 -25.31
N LEU D 29 -9.39 -37.01 -26.12
CA LEU D 29 -10.68 -36.54 -25.61
C LEU D 29 -11.55 -37.68 -25.11
N THR D 30 -11.20 -38.92 -25.42
CA THR D 30 -11.92 -40.09 -24.92
C THR D 30 -11.51 -40.46 -23.50
N ASN D 31 -10.45 -39.85 -22.96
CA ASN D 31 -9.93 -40.18 -21.64
C ASN D 31 -10.01 -39.05 -20.64
N TYR D 32 -10.40 -37.85 -21.06
CA TYR D 32 -10.44 -36.71 -20.15
C TYR D 32 -11.59 -35.80 -20.53
N GLY D 33 -12.16 -35.14 -19.52
CA GLY D 33 -13.14 -34.10 -19.78
C GLY D 33 -12.49 -32.76 -20.01
N VAL D 34 -13.15 -31.93 -20.81
CA VAL D 34 -12.68 -30.60 -21.13
C VAL D 34 -13.66 -29.59 -20.55
N HIS D 35 -13.18 -28.76 -19.63
CA HIS D 35 -14.00 -27.74 -18.99
C HIS D 35 -13.78 -26.39 -19.67
N TRP D 36 -14.70 -25.46 -19.42
CA TRP D 36 -14.62 -24.11 -19.96
C TRP D 36 -14.82 -23.12 -18.83
N VAL D 37 -13.82 -22.25 -18.64
CA VAL D 37 -13.86 -21.22 -17.61
C VAL D 37 -13.61 -19.88 -18.29
N ARG D 38 -14.29 -18.83 -17.81
CA ARG D 38 -14.09 -17.48 -18.31
C ARG D 38 -13.68 -16.57 -17.16
N GLN D 39 -13.16 -15.40 -17.54
CA GLN D 39 -12.67 -14.42 -16.58
C GLN D 39 -13.13 -13.05 -17.05
N SER D 40 -14.07 -12.45 -16.32
CA SER D 40 -14.69 -11.19 -16.68
C SER D 40 -14.47 -10.17 -15.58
N PRO D 41 -14.53 -8.87 -15.90
CA PRO D 41 -14.40 -7.86 -14.84
C PRO D 41 -15.50 -7.94 -13.79
N GLY D 42 -16.70 -8.34 -14.18
CA GLY D 42 -17.82 -8.33 -13.25
C GLY D 42 -17.81 -9.51 -12.30
N LYS D 43 -17.62 -10.73 -12.83
CA LYS D 43 -17.73 -11.96 -12.07
C LYS D 43 -16.41 -12.66 -11.83
N GLY D 44 -15.33 -12.19 -12.45
CA GLY D 44 -14.05 -12.85 -12.23
C GLY D 44 -14.01 -14.22 -12.86
N LEU D 45 -13.24 -15.12 -12.25
CA LEU D 45 -13.15 -16.50 -12.73
C LEU D 45 -14.49 -17.20 -12.53
N GLU D 46 -14.97 -17.87 -13.57
CA GLU D 46 -16.33 -18.40 -13.56
C GLU D 46 -16.36 -19.69 -14.36
N TRP D 47 -16.64 -20.81 -13.68
CA TRP D 47 -16.77 -22.09 -14.36
C TRP D 47 -18.06 -22.13 -15.14
N LEU D 48 -17.97 -22.47 -16.43
CA LEU D 48 -19.11 -22.46 -17.34
C LEU D 48 -19.69 -23.84 -17.59
N GLY D 49 -18.86 -24.80 -17.97
CA GLY D 49 -19.37 -26.12 -18.26
C GLY D 49 -18.26 -27.12 -18.50
N VAL D 50 -18.65 -28.31 -18.91
CA VAL D 50 -17.71 -29.40 -19.13
C VAL D 50 -18.36 -30.41 -20.08
N ILE D 51 -17.54 -30.99 -20.95
CA ILE D 51 -17.92 -32.19 -21.71
C ILE D 51 -16.99 -33.31 -21.27
N TRP D 52 -17.58 -34.44 -20.91
CA TRP D 52 -16.82 -35.53 -20.32
C TRP D 52 -16.31 -36.47 -21.41
N SER D 53 -15.58 -37.50 -20.99
CA SER D 53 -14.96 -38.43 -21.93
C SER D 53 -16.00 -39.08 -22.83
N GLY D 54 -17.12 -39.53 -22.24
CA GLY D 54 -18.16 -40.23 -22.96
C GLY D 54 -19.17 -39.38 -23.68
N GLY D 55 -19.06 -38.06 -23.63
CA GLY D 55 -19.94 -37.16 -24.35
C GLY D 55 -20.92 -36.40 -23.47
N ASN D 56 -21.12 -36.83 -22.24
CA ASN D 56 -22.02 -36.11 -21.34
C ASN D 56 -21.52 -34.69 -21.09
N THR D 57 -22.46 -33.76 -20.95
CA THR D 57 -22.14 -32.36 -20.71
C THR D 57 -22.88 -31.87 -19.48
N ASP D 58 -22.21 -31.00 -18.73
CA ASP D 58 -22.79 -30.31 -17.59
C ASP D 58 -22.54 -28.82 -17.76
N TYR D 59 -23.59 -28.01 -17.57
CA TYR D 59 -23.51 -26.57 -17.72
C TYR D 59 -23.84 -25.91 -16.39
N ASN D 60 -23.08 -24.88 -16.04
CA ASN D 60 -23.40 -24.09 -14.85
C ASN D 60 -24.79 -23.49 -15.00
N THR D 61 -25.53 -23.45 -13.89
CA THR D 61 -26.95 -23.08 -13.90
C THR D 61 -27.29 -21.84 -14.72
N PRO D 62 -26.58 -20.69 -14.59
CA PRO D 62 -27.01 -19.51 -15.35
C PRO D 62 -26.66 -19.56 -16.83
N PHE D 63 -26.17 -20.72 -17.32
CA PHE D 63 -25.79 -20.86 -18.71
C PHE D 63 -26.45 -22.04 -19.41
N THR D 64 -27.30 -22.80 -18.71
CA THR D 64 -27.87 -24.02 -19.27
C THR D 64 -28.67 -23.75 -20.55
N SER D 65 -29.39 -22.63 -20.59
CA SER D 65 -30.30 -22.33 -21.68
C SER D 65 -29.66 -21.49 -22.78
N ARG D 66 -28.33 -21.44 -22.84
CA ARG D 66 -27.68 -20.76 -23.97
C ARG D 66 -26.26 -21.25 -24.21
N LEU D 67 -25.87 -22.41 -23.69
CA LEU D 67 -24.52 -22.93 -23.82
C LEU D 67 -24.57 -24.38 -24.30
N SER D 68 -23.69 -24.72 -25.23
CA SER D 68 -23.60 -26.08 -25.75
C SER D 68 -22.16 -26.40 -26.07
N ILE D 69 -21.72 -27.60 -25.70
CA ILE D 69 -20.35 -28.04 -25.90
C ILE D 69 -20.37 -29.37 -26.62
N ASN D 70 -19.74 -29.43 -27.79
CA ASN D 70 -19.58 -30.65 -28.56
C ASN D 70 -18.09 -30.94 -28.74
N LYS D 71 -17.79 -32.10 -29.32
CA LYS D 71 -16.41 -32.49 -29.54
C LYS D 71 -16.32 -33.48 -30.68
N ASP D 72 -15.13 -33.56 -31.27
CA ASP D 72 -14.79 -34.54 -32.31
C ASP D 72 -13.56 -35.28 -31.79
N ASN D 73 -13.77 -36.49 -31.24
CA ASN D 73 -12.68 -37.24 -30.64
C ASN D 73 -11.57 -37.53 -31.64
N SER D 74 -11.94 -37.86 -32.88
CA SER D 74 -10.94 -38.16 -33.90
C SER D 74 -10.15 -36.92 -34.28
N LYS D 75 -10.77 -35.74 -34.28
CA LYS D 75 -10.08 -34.50 -34.59
C LYS D 75 -9.47 -33.82 -33.36
N SER D 76 -9.74 -34.34 -32.16
CA SER D 76 -9.21 -33.79 -30.91
C SER D 76 -9.65 -32.34 -30.72
N GLN D 77 -10.89 -32.03 -31.11
CA GLN D 77 -11.42 -30.68 -31.05
C GLN D 77 -12.63 -30.64 -30.13
N VAL D 78 -12.77 -29.52 -29.41
CA VAL D 78 -13.91 -29.26 -28.53
C VAL D 78 -14.54 -27.95 -28.98
N PHE D 79 -15.86 -27.95 -29.11
CA PHE D 79 -16.60 -26.83 -29.71
C PHE D 79 -17.46 -26.16 -28.65
N PHE D 80 -17.11 -24.92 -28.32
CA PHE D 80 -17.84 -24.08 -27.38
C PHE D 80 -18.75 -23.15 -28.17
N LYS D 81 -20.02 -23.06 -27.76
CA LYS D 81 -20.95 -22.17 -28.43
C LYS D 81 -21.92 -21.59 -27.41
N MET D 82 -21.97 -20.26 -27.32
CA MET D 82 -22.88 -19.55 -26.43
C MET D 82 -23.68 -18.55 -27.24
N ASN D 83 -24.95 -18.39 -26.87
CA ASN D 83 -25.89 -17.59 -27.62
C ASN D 83 -26.29 -16.33 -26.86
N SER D 84 -26.79 -15.34 -27.61
CA SER D 84 -27.35 -14.11 -27.08
C SER D 84 -26.38 -13.42 -26.11
N LEU D 85 -25.18 -13.14 -26.62
CA LEU D 85 -24.18 -12.47 -25.80
C LEU D 85 -24.55 -11.01 -25.58
N GLN D 86 -24.27 -10.53 -24.37
CA GLN D 86 -24.47 -9.14 -24.00
C GLN D 86 -23.13 -8.52 -23.63
N SER D 87 -23.17 -7.24 -23.27
CA SER D 87 -21.94 -6.51 -22.99
C SER D 87 -21.16 -7.14 -21.84
N ASN D 88 -21.86 -7.59 -20.79
CA ASN D 88 -21.19 -8.18 -19.63
C ASN D 88 -20.71 -9.60 -19.88
N ASP D 89 -20.90 -10.13 -21.09
CA ASP D 89 -20.27 -11.38 -21.49
C ASP D 89 -18.88 -11.15 -22.07
N THR D 90 -18.46 -9.89 -22.21
CA THR D 90 -17.09 -9.59 -22.62
C THR D 90 -16.13 -10.12 -21.57
N ALA D 91 -15.31 -11.09 -21.96
CA ALA D 91 -14.41 -11.76 -21.02
C ALA D 91 -13.38 -12.55 -21.83
N ILE D 92 -12.45 -13.17 -21.11
CA ILE D 92 -11.51 -14.12 -21.68
C ILE D 92 -12.06 -15.51 -21.42
N TYR D 93 -12.09 -16.35 -22.45
CA TYR D 93 -12.66 -17.68 -22.35
C TYR D 93 -11.55 -18.73 -22.47
N TYR D 94 -11.49 -19.63 -21.51
CA TYR D 94 -10.50 -20.69 -21.47
C TYR D 94 -11.16 -22.05 -21.62
N CYS D 95 -10.46 -22.97 -22.26
CA CYS D 95 -10.72 -24.40 -22.10
C CYS D 95 -9.63 -24.98 -21.21
N ALA D 96 -10.01 -25.97 -20.40
CA ALA D 96 -9.12 -26.48 -19.37
C ALA D 96 -9.30 -27.97 -19.22
N ARG D 97 -8.24 -28.63 -18.75
CA ARG D 97 -8.24 -30.05 -18.46
C ARG D 97 -7.79 -30.27 -17.02
N ALA D 98 -8.35 -31.30 -16.39
CA ALA D 98 -8.01 -31.64 -15.01
C ALA D 98 -6.89 -32.67 -14.98
N LEU D 99 -6.36 -32.89 -13.77
CA LEU D 99 -5.32 -33.91 -13.59
C LEU D 99 -5.88 -35.30 -13.88
N THR D 100 -7.06 -35.61 -13.34
CA THR D 100 -7.72 -36.88 -13.59
C THR D 100 -8.95 -36.65 -14.46
N TYR D 101 -9.46 -37.76 -15.02
CA TYR D 101 -10.55 -37.67 -15.99
C TYR D 101 -11.84 -37.13 -15.36
N TYR D 102 -11.98 -37.24 -14.04
CA TYR D 102 -13.24 -36.95 -13.37
C TYR D 102 -13.21 -35.69 -12.51
N ASP D 103 -12.04 -35.13 -12.24
CA ASP D 103 -11.90 -34.12 -11.22
C ASP D 103 -11.95 -32.71 -11.83
N TYR D 104 -11.67 -31.71 -10.98
CA TYR D 104 -11.83 -30.30 -11.36
C TYR D 104 -10.60 -29.47 -11.02
N GLU D 105 -9.46 -30.11 -10.78
CA GLU D 105 -8.20 -29.38 -10.56
C GLU D 105 -7.56 -29.16 -11.93
N PHE D 106 -7.71 -27.94 -12.45
CA PHE D 106 -7.34 -27.62 -13.82
C PHE D 106 -5.84 -27.36 -13.91
N ALA D 107 -5.09 -28.39 -14.27
CA ALA D 107 -3.63 -28.28 -14.40
C ALA D 107 -3.19 -27.83 -15.78
N TYR D 108 -4.08 -27.85 -16.77
CA TYR D 108 -3.75 -27.46 -18.14
C TYR D 108 -4.81 -26.50 -18.65
N TRP D 109 -4.38 -25.41 -19.28
CA TRP D 109 -5.28 -24.38 -19.76
C TRP D 109 -4.93 -24.02 -21.20
N GLY D 110 -5.95 -23.61 -21.94
CA GLY D 110 -5.71 -22.93 -23.19
C GLY D 110 -5.19 -21.53 -22.95
N GLN D 111 -4.64 -20.92 -24.00
CA GLN D 111 -4.10 -19.57 -23.86
C GLN D 111 -5.20 -18.53 -23.66
N GLY D 112 -6.46 -18.88 -23.90
CA GLY D 112 -7.56 -17.96 -23.70
C GLY D 112 -7.96 -17.19 -24.93
N THR D 113 -9.27 -16.93 -25.08
CA THR D 113 -9.80 -16.15 -26.19
C THR D 113 -10.47 -14.90 -25.64
N LEU D 114 -9.94 -13.74 -25.99
CA LEU D 114 -10.54 -12.48 -25.56
C LEU D 114 -11.72 -12.16 -26.47
N VAL D 115 -12.92 -12.12 -25.89
CA VAL D 115 -14.15 -11.90 -26.64
C VAL D 115 -14.68 -10.52 -26.26
N THR D 116 -14.87 -9.67 -27.28
CA THR D 116 -15.46 -8.35 -27.11
C THR D 116 -16.87 -8.37 -27.68
N VAL D 117 -17.85 -8.00 -26.87
CA VAL D 117 -19.23 -7.88 -27.31
C VAL D 117 -19.47 -6.42 -27.65
N SER D 118 -19.60 -6.12 -28.94
CA SER D 118 -19.76 -4.76 -29.41
C SER D 118 -20.34 -4.78 -30.81
N ALA D 119 -21.10 -3.73 -31.12
CA ALA D 119 -21.62 -3.51 -32.46
C ALA D 119 -20.63 -2.76 -33.35
N ALA D 120 -19.50 -2.32 -32.79
CA ALA D 120 -18.51 -1.58 -33.54
C ALA D 120 -17.80 -2.50 -34.54
N SER D 121 -17.15 -1.87 -35.51
CA SER D 121 -16.51 -2.59 -36.61
C SER D 121 -15.05 -2.92 -36.26
N THR D 122 -14.55 -3.98 -36.88
CA THR D 122 -13.14 -4.31 -36.78
C THR D 122 -12.31 -3.32 -37.58
N LYS D 123 -11.20 -2.88 -37.00
CA LYS D 123 -10.32 -1.92 -37.67
C LYS D 123 -8.88 -2.25 -37.35
N GLY D 124 -8.07 -2.48 -38.38
CA GLY D 124 -6.66 -2.73 -38.21
C GLY D 124 -5.93 -1.48 -37.76
N PRO D 125 -4.84 -1.66 -37.03
CA PRO D 125 -4.10 -0.51 -36.50
C PRO D 125 -3.13 0.07 -37.52
N SER D 126 -2.62 1.25 -37.18
CA SER D 126 -1.52 1.88 -37.89
C SER D 126 -0.32 1.90 -36.97
N VAL D 127 0.82 1.40 -37.46
CA VAL D 127 2.03 1.25 -36.67
C VAL D 127 3.00 2.36 -37.05
N PHE D 128 3.46 3.11 -36.05
CA PHE D 128 4.38 4.21 -36.23
C PHE D 128 5.61 4.03 -35.37
N PRO D 129 6.78 4.50 -35.83
CA PRO D 129 8.00 4.32 -35.03
C PRO D 129 8.09 5.33 -33.90
N LEU D 130 8.67 4.87 -32.80
CA LEU D 130 9.05 5.73 -31.68
C LEU D 130 10.57 5.81 -31.70
N ALA D 131 11.09 6.88 -32.31
CA ALA D 131 12.52 6.92 -32.62
C ALA D 131 13.25 7.97 -31.78
N PRO D 132 14.42 7.63 -31.28
CA PRO D 132 15.24 8.62 -30.58
C PRO D 132 16.04 9.47 -31.57
N SER D 133 16.52 10.60 -31.08
CA SER D 133 17.35 11.48 -31.91
C SER D 133 18.82 11.11 -31.75
N GLY D 139 22.20 7.62 -21.22
CA GLY D 139 23.51 7.17 -20.79
C GLY D 139 24.04 6.00 -21.60
N GLY D 140 24.26 6.26 -22.87
CA GLY D 140 24.60 5.23 -23.83
C GLY D 140 23.47 4.27 -24.12
N THR D 141 22.34 4.40 -23.41
CA THR D 141 21.17 3.57 -23.63
C THR D 141 20.15 4.37 -24.44
N ALA D 142 19.59 3.75 -25.48
CA ALA D 142 18.57 4.36 -26.31
C ALA D 142 17.28 3.58 -26.21
N ALA D 143 16.16 4.29 -26.30
CA ALA D 143 14.83 3.70 -26.26
C ALA D 143 14.22 3.75 -27.65
N LEU D 144 13.78 2.59 -28.15
CA LEU D 144 13.03 2.50 -29.40
C LEU D 144 11.62 2.03 -29.08
N GLY D 145 10.73 2.17 -30.04
CA GLY D 145 9.35 1.77 -29.79
C GLY D 145 8.51 1.79 -31.04
N CYS D 146 7.30 1.25 -30.90
CA CYS D 146 6.30 1.23 -31.95
C CYS D 146 4.96 1.66 -31.37
N LEU D 147 4.29 2.57 -32.07
CA LEU D 147 2.97 3.06 -31.67
C LEU D 147 1.92 2.33 -32.51
N VAL D 148 1.14 1.49 -31.86
CA VAL D 148 0.10 0.70 -32.51
C VAL D 148 -1.23 1.41 -32.23
N LYS D 149 -1.69 2.20 -33.20
CA LYS D 149 -2.74 3.18 -32.97
C LYS D 149 -3.99 2.84 -33.76
N ASP D 150 -5.15 3.09 -33.14
CA ASP D 150 -6.45 3.12 -33.81
C ASP D 150 -6.84 1.74 -34.34
N TYR D 151 -7.00 0.79 -33.41
CA TYR D 151 -7.47 -0.54 -33.75
C TYR D 151 -8.62 -0.95 -32.85
N PHE D 152 -9.38 -1.94 -33.31
CA PHE D 152 -10.51 -2.50 -32.59
C PHE D 152 -10.89 -3.82 -33.25
N PRO D 153 -11.16 -4.85 -32.43
CA PRO D 153 -11.06 -4.79 -30.97
C PRO D 153 -9.70 -5.25 -30.46
N GLU D 154 -9.60 -5.37 -29.15
CA GLU D 154 -8.46 -6.04 -28.53
C GLU D 154 -8.52 -7.52 -28.89
N PRO D 155 -7.37 -8.21 -28.85
CA PRO D 155 -6.04 -7.70 -28.56
C PRO D 155 -5.15 -7.55 -29.79
N VAL D 156 -3.96 -7.01 -29.58
CA VAL D 156 -2.90 -7.01 -30.58
C VAL D 156 -1.65 -7.55 -29.91
N THR D 157 -0.85 -8.29 -30.68
CA THR D 157 0.39 -8.87 -30.19
C THR D 157 1.58 -8.14 -30.78
N VAL D 158 2.59 -7.91 -29.95
CA VAL D 158 3.81 -7.22 -30.37
C VAL D 158 5.01 -8.02 -29.89
N SER D 159 5.89 -8.39 -30.81
CA SER D 159 7.18 -8.95 -30.50
C SER D 159 8.26 -8.08 -31.12
N TRP D 160 9.52 -8.37 -30.81
CA TRP D 160 10.66 -7.64 -31.35
C TRP D 160 11.65 -8.60 -31.96
N ASN D 161 12.03 -8.34 -33.20
CA ASN D 161 12.98 -9.17 -33.95
C ASN D 161 12.56 -10.64 -33.95
N SER D 162 11.27 -10.86 -34.21
CA SER D 162 10.70 -12.20 -34.32
C SER D 162 10.92 -13.00 -33.04
N GLY D 163 10.70 -12.36 -31.90
CA GLY D 163 10.85 -13.00 -30.61
C GLY D 163 12.27 -13.15 -30.12
N ALA D 164 13.27 -12.90 -30.98
CA ALA D 164 14.66 -13.07 -30.56
C ALA D 164 15.07 -12.01 -29.54
N LEU D 165 14.40 -10.87 -29.52
CA LEU D 165 14.72 -9.77 -28.61
C LEU D 165 13.61 -9.64 -27.57
N THR D 166 13.92 -10.00 -26.33
CA THR D 166 12.98 -9.90 -25.22
C THR D 166 13.49 -9.06 -24.06
N SER D 167 14.80 -8.93 -23.88
CA SER D 167 15.33 -8.20 -22.74
C SER D 167 15.11 -6.70 -22.92
N GLY D 168 14.54 -6.07 -21.89
CA GLY D 168 14.25 -4.65 -21.93
C GLY D 168 12.99 -4.26 -22.66
N VAL D 169 12.15 -5.24 -23.03
CA VAL D 169 10.93 -4.96 -23.76
C VAL D 169 9.80 -4.70 -22.79
N HIS D 170 9.12 -3.57 -22.95
CA HIS D 170 7.90 -3.25 -22.21
C HIS D 170 6.78 -2.99 -23.22
N THR D 171 5.77 -3.86 -23.23
CA THR D 171 4.57 -3.68 -24.02
C THR D 171 3.46 -3.22 -23.08
N PHE D 172 2.97 -2.03 -23.30
CA PHE D 172 2.06 -1.43 -22.33
C PHE D 172 0.62 -1.88 -22.55
N PRO D 173 -0.19 -1.84 -21.49
CA PRO D 173 -1.63 -2.10 -21.65
C PRO D 173 -2.24 -1.11 -22.63
N ALA D 174 -3.13 -1.62 -23.48
CA ALA D 174 -3.81 -0.76 -24.44
C ALA D 174 -4.71 0.21 -23.70
N VAL D 175 -4.78 1.43 -24.22
CA VAL D 175 -5.67 2.47 -23.70
C VAL D 175 -6.81 2.64 -24.69
N LEU D 176 -8.02 2.82 -24.15
CA LEU D 176 -9.19 3.12 -24.97
C LEU D 176 -9.25 4.63 -25.19
N GLN D 177 -9.08 5.05 -26.44
CA GLN D 177 -9.17 6.46 -26.78
C GLN D 177 -10.62 6.91 -26.79
N SER D 178 -10.81 8.22 -26.70
CA SER D 178 -12.16 8.79 -26.77
C SER D 178 -12.84 8.49 -28.10
N SER D 179 -12.07 8.09 -29.12
CA SER D 179 -12.63 7.68 -30.40
C SER D 179 -13.31 6.32 -30.34
N GLY D 180 -13.11 5.56 -29.27
CA GLY D 180 -13.57 4.19 -29.21
C GLY D 180 -12.59 3.19 -29.77
N LEU D 181 -11.44 3.63 -30.28
CA LEU D 181 -10.41 2.76 -30.80
C LEU D 181 -9.29 2.61 -29.79
N TYR D 182 -8.63 1.44 -29.83
CA TYR D 182 -7.57 1.16 -28.89
C TYR D 182 -6.22 1.63 -29.43
N SER D 183 -5.23 1.68 -28.54
CA SER D 183 -3.89 2.14 -28.86
C SER D 183 -2.94 1.67 -27.76
N LEU D 184 -1.77 1.19 -28.17
CA LEU D 184 -0.75 0.80 -27.21
C LEU D 184 0.63 1.09 -27.79
N SER D 185 1.62 1.17 -26.90
CA SER D 185 3.01 1.32 -27.27
C SER D 185 3.82 0.16 -26.72
N SER D 186 4.80 -0.29 -27.50
CA SER D 186 5.80 -1.26 -27.06
C SER D 186 7.17 -0.62 -27.22
N VAL D 187 7.98 -0.69 -26.17
CA VAL D 187 9.30 -0.06 -26.18
C VAL D 187 10.35 -1.08 -25.79
N VAL D 188 11.59 -0.78 -26.19
CA VAL D 188 12.76 -1.57 -25.82
C VAL D 188 13.94 -0.62 -25.66
N THR D 189 14.80 -0.91 -24.70
CA THR D 189 16.02 -0.15 -24.46
C THR D 189 17.21 -0.95 -24.97
N VAL D 190 18.03 -0.31 -25.80
CA VAL D 190 19.15 -0.98 -26.45
C VAL D 190 20.40 -0.13 -26.26
N PRO D 191 21.58 -0.73 -26.40
CA PRO D 191 22.81 0.07 -26.45
C PRO D 191 22.77 0.99 -27.68
N SER D 192 23.00 2.28 -27.44
CA SER D 192 22.86 3.26 -28.52
C SER D 192 23.91 3.06 -29.60
N SER D 193 25.07 2.50 -29.26
CA SER D 193 26.10 2.23 -30.27
C SER D 193 25.71 1.10 -31.21
N SER D 194 24.64 0.36 -30.91
CA SER D 194 24.17 -0.70 -31.78
C SER D 194 23.12 -0.24 -32.77
N LEU D 195 22.66 1.02 -32.67
CA LEU D 195 21.63 1.52 -33.57
C LEU D 195 22.09 1.53 -35.03
N GLY D 196 23.40 1.51 -35.29
CA GLY D 196 23.89 1.52 -36.64
C GLY D 196 23.94 0.15 -37.29
N THR D 197 24.45 -0.84 -36.57
CA THR D 197 24.64 -2.17 -37.13
C THR D 197 23.43 -3.09 -36.90
N GLN D 198 22.73 -2.95 -35.79
CA GLN D 198 21.65 -3.85 -35.44
C GLN D 198 20.31 -3.32 -35.94
N THR D 199 19.52 -4.21 -36.53
CA THR D 199 18.17 -3.89 -36.96
C THR D 199 17.18 -4.28 -35.87
N TYR D 200 16.29 -3.35 -35.53
CA TYR D 200 15.28 -3.58 -34.49
C TYR D 200 13.91 -3.48 -35.13
N ILE D 201 13.23 -4.62 -35.23
CA ILE D 201 11.91 -4.71 -35.84
C ILE D 201 10.89 -5.01 -34.76
N CYS D 202 9.75 -4.33 -34.81
CA CYS D 202 8.59 -4.68 -34.01
C CYS D 202 7.59 -5.41 -34.89
N ASN D 203 7.09 -6.54 -34.41
CA ASN D 203 6.19 -7.40 -35.18
C ASN D 203 4.79 -7.24 -34.60
N VAL D 204 3.96 -6.44 -35.27
CA VAL D 204 2.60 -6.15 -34.82
C VAL D 204 1.65 -7.08 -35.57
N ASN D 205 0.80 -7.79 -34.83
CA ASN D 205 -0.18 -8.69 -35.42
C ASN D 205 -1.53 -8.44 -34.75
N HIS D 206 -2.47 -7.95 -35.55
CA HIS D 206 -3.86 -7.74 -35.10
C HIS D 206 -4.71 -8.80 -35.79
N LYS D 207 -4.79 -9.97 -35.16
CA LYS D 207 -5.56 -11.08 -35.71
C LYS D 207 -7.01 -10.75 -36.01
N PRO D 208 -7.75 -9.98 -35.18
CA PRO D 208 -9.14 -9.68 -35.53
C PRO D 208 -9.31 -9.06 -36.91
N SER D 209 -8.39 -8.20 -37.34
CA SER D 209 -8.43 -7.63 -38.68
C SER D 209 -7.51 -8.36 -39.65
N ASN D 210 -6.80 -9.39 -39.20
CA ASN D 210 -5.79 -10.09 -40.01
C ASN D 210 -4.75 -9.10 -40.55
N THR D 211 -4.34 -8.18 -39.69
CA THR D 211 -3.32 -7.19 -40.02
C THR D 211 -2.00 -7.62 -39.41
N LYS D 212 -0.97 -7.76 -40.24
CA LYS D 212 0.37 -8.16 -39.81
C LYS D 212 1.36 -7.16 -40.37
N VAL D 213 2.12 -6.50 -39.48
CA VAL D 213 3.04 -5.45 -39.87
C VAL D 213 4.37 -5.69 -39.18
N ASP D 214 5.45 -5.63 -39.96
CA ASP D 214 6.82 -5.62 -39.44
C ASP D 214 7.40 -4.25 -39.68
N LYS D 215 7.73 -3.54 -38.61
CA LYS D 215 8.17 -2.15 -38.68
C LYS D 215 9.57 -2.03 -38.09
N ARG D 216 10.52 -1.56 -38.90
CA ARG D 216 11.84 -1.22 -38.39
C ARG D 216 11.81 0.16 -37.78
N VAL D 217 12.48 0.30 -36.63
CA VAL D 217 12.55 1.55 -35.89
C VAL D 217 14.01 1.94 -35.75
N GLU D 218 14.36 3.11 -36.26
CA GLU D 218 15.70 3.65 -36.23
C GLU D 218 15.62 5.15 -36.04
N PRO D 219 16.69 5.80 -35.58
CA PRO D 219 16.65 7.26 -35.43
C PRO D 219 16.46 7.95 -36.77
N LYS D 220 15.60 8.97 -36.77
CA LYS D 220 15.31 9.73 -37.99
C LYS D 220 16.54 10.52 -38.44
N GLY E 1 7.65 -1.97 10.67
CA GLY E 1 7.57 -3.21 11.39
C GLY E 1 7.97 -3.07 12.85
N GLN E 2 8.70 -2.01 13.17
CA GLN E 2 9.12 -1.73 14.54
C GLN E 2 8.22 -0.68 15.20
N ASP E 4 7.57 2.64 17.19
CA ASP E 4 8.21 3.93 17.35
C ASP E 4 7.74 4.59 18.65
N LEU E 5 8.70 4.96 19.49
CA LEU E 5 8.39 5.57 20.77
C LEU E 5 7.78 6.96 20.61
N SER E 6 8.10 7.65 19.52
CA SER E 6 7.65 9.02 19.31
C SER E 6 6.17 9.12 18.93
N THR E 7 5.51 8.01 18.62
CA THR E 7 4.10 8.04 18.21
C THR E 7 3.25 6.89 18.76
N ARG E 8 3.84 5.91 19.44
CA ARG E 8 3.13 4.69 19.83
C ARG E 8 2.51 3.98 18.64
N ARG E 9 3.14 4.11 17.47
CA ARG E 9 2.68 3.49 16.24
C ARG E 9 3.80 2.69 15.61
N LEU E 10 3.41 1.70 14.79
CA LEU E 10 4.37 0.87 14.09
C LEU E 10 4.92 1.62 12.88
N LYS E 11 6.24 1.63 12.73
CA LYS E 11 6.90 2.28 11.61
C LYS E 11 8.00 1.36 11.11
N GLY E 12 7.77 0.72 9.97
CA GLY E 12 8.74 -0.21 9.41
C GLY E 12 8.79 -1.53 10.14
N GLY F 1 -9.42 -4.58 -7.17
CA GLY F 1 -10.14 -5.70 -6.60
C GLY F 1 -10.92 -6.53 -7.60
N GLN F 2 -10.89 -6.09 -8.86
CA GLN F 2 -11.59 -6.80 -9.93
C GLN F 2 -10.70 -6.90 -11.16
N ASP F 4 -9.12 -6.88 -14.92
CA ASP F 4 -8.97 -5.92 -16.00
C ASP F 4 -8.61 -6.63 -17.31
N LEU F 5 -9.40 -6.36 -18.36
CA LEU F 5 -9.19 -7.01 -19.64
C LEU F 5 -7.94 -6.49 -20.34
N SER F 6 -7.58 -5.22 -20.16
CA SER F 6 -6.41 -4.67 -20.83
C SER F 6 -5.10 -5.14 -20.20
N THR F 7 -5.13 -5.64 -18.97
CA THR F 7 -3.93 -6.05 -18.27
C THR F 7 -3.86 -7.54 -17.97
N ARG F 8 -5.00 -8.24 -18.01
CA ARG F 8 -5.10 -9.62 -17.54
C ARG F 8 -4.65 -9.75 -16.08
N ARG F 9 -4.82 -8.69 -15.30
CA ARG F 9 -4.43 -8.67 -13.89
C ARG F 9 -5.53 -8.03 -13.07
N LEU F 10 -5.45 -8.24 -11.75
CA LEU F 10 -6.40 -7.62 -10.83
C LEU F 10 -6.11 -6.13 -10.71
N LYS F 11 -7.15 -5.31 -10.87
CA LYS F 11 -7.05 -3.87 -10.69
C LYS F 11 -8.27 -3.39 -9.92
N GLY F 12 -8.03 -2.78 -8.76
CA GLY F 12 -9.11 -2.30 -7.92
C GLY F 12 -10.01 -3.40 -7.40
#